data_9JHY
#
_entry.id   9JHY
#
_cell.length_a   91.010
_cell.length_b   91.010
_cell.length_c   212.700
_cell.angle_alpha   90.00
_cell.angle_beta   90.00
_cell.angle_gamma   120.00
#
_symmetry.space_group_name_H-M   'P 32 1 2'
#
loop_
_entity.id
_entity.type
_entity.pdbx_description
1 polymer '3-hydroxyacyl-CoA dehydrogenase, NAD binding domain protein'
2 non-polymer 'ACETOACETYL-COENZYME A'
3 water water
#
_entity_poly.entity_id   1
_entity_poly.type   'polypeptide(L)'
_entity_poly.pdbx_seq_one_letter_code
;AMKIGVIGAGTMGQGIAKAFAQVEGNTVALCDIKQEWAENGLAKIKKGYEKLVAKGKIPQEKADAIVAAITPGLKENLCA
DCDLIVEAAFEDMKVKQTTFGELDKICKPECIFASNTASLSITEIGKGLSRPLVGMHFFNPADRMKLIEVIAGCNTPAET
VEKIKEISVAIGKNPVQVNEAAGFVVNRILIPMINEAAFIKMEGVSDIAGIDTAMKLGANHPMGPLELGDFIGLDICLAI
MDVLYHETGDSKYRACPLIRKMVRGGNLGCKTGKGFYVYNADRTKTPVDN
;
_entity_poly.pdbx_strand_id   C,A,B
#
loop_
_chem_comp.id
_chem_comp.type
_chem_comp.name
_chem_comp.formula
CAA non-polymer 'ACETOACETYL-COENZYME A' 'C25 H40 N7 O18 P3 S'
#
# COMPACT_ATOMS: atom_id res chain seq x y z
N ALA A 1 -23.48 -27.65 27.15
CA ALA A 1 -24.77 -26.98 27.23
C ALA A 1 -24.64 -25.44 27.18
N MET A 2 -24.86 -24.86 26.01
CA MET A 2 -24.77 -23.42 25.83
C MET A 2 -25.68 -22.97 24.68
N LYS A 3 -26.30 -21.81 24.87
CA LYS A 3 -27.13 -21.18 23.86
C LYS A 3 -26.40 -19.94 23.38
N ILE A 4 -26.23 -19.81 22.07
CA ILE A 4 -25.46 -18.71 21.50
C ILE A 4 -26.31 -18.00 20.46
N GLY A 5 -26.47 -16.70 20.60
CA GLY A 5 -27.15 -15.88 19.61
C GLY A 5 -26.14 -15.08 18.80
N VAL A 6 -26.30 -15.12 17.49
CA VAL A 6 -25.36 -14.49 16.59
C VAL A 6 -26.11 -13.44 15.77
N ILE A 7 -25.79 -12.17 16.00
CA ILE A 7 -26.48 -11.04 15.39
C ILE A 7 -25.74 -10.62 14.12
N GLY A 8 -26.27 -11.04 12.96
CA GLY A 8 -25.68 -10.80 11.65
C GLY A 8 -25.61 -12.06 10.84
N ALA A 9 -26.08 -12.03 9.58
CA ALA A 9 -26.27 -13.25 8.83
C ALA A 9 -25.54 -13.24 7.48
N GLY A 10 -24.65 -12.29 7.27
CA GLY A 10 -23.76 -12.33 6.13
C GLY A 10 -22.66 -13.37 6.31
N THR A 11 -21.49 -13.05 5.73
CA THR A 11 -20.34 -13.97 5.74
C THR A 11 -19.87 -14.28 7.16
N MET A 12 -19.49 -13.25 7.92
CA MET A 12 -18.93 -13.45 9.26
C MET A 12 -19.90 -14.14 10.20
N GLY A 13 -21.15 -13.64 10.24
CA GLY A 13 -22.12 -14.21 11.15
C GLY A 13 -22.41 -15.67 10.88
N GLN A 14 -22.50 -16.06 9.60
CA GLN A 14 -22.73 -17.46 9.29
C GLN A 14 -21.55 -18.32 9.75
N GLY A 15 -20.33 -17.84 9.55
CA GLY A 15 -19.17 -18.60 9.99
C GLY A 15 -19.06 -18.68 11.50
N ILE A 16 -19.47 -17.62 12.20
CA ILE A 16 -19.49 -17.63 13.66
C ILE A 16 -20.59 -18.57 14.19
N ALA A 17 -21.76 -18.57 13.55
CA ALA A 17 -22.79 -19.54 13.90
C ALA A 17 -22.29 -20.97 13.74
N LYS A 18 -21.54 -21.24 12.67
CA LYS A 18 -21.01 -22.57 12.41
C LYS A 18 -19.94 -22.98 13.41
N ALA A 19 -19.20 -22.02 13.95
CA ALA A 19 -18.12 -22.31 14.88
C ALA A 19 -18.65 -22.78 16.23
N PHE A 20 -19.81 -22.29 16.65
CA PHE A 20 -20.39 -22.73 17.91
C PHE A 20 -21.21 -24.00 17.71
N ALA A 21 -21.93 -24.09 16.59
CA ALA A 21 -22.81 -25.23 16.31
C ALA A 21 -22.03 -26.48 15.99
N GLN A 22 -20.75 -26.36 15.64
CA GLN A 22 -19.90 -27.54 15.44
C GLN A 22 -19.65 -28.29 16.73
N VAL A 23 -19.70 -27.61 17.87
CA VAL A 23 -19.47 -28.23 19.16
C VAL A 23 -20.80 -28.78 19.65
N GLU A 24 -20.86 -30.09 19.84
CA GLU A 24 -22.05 -30.70 20.41
C GLU A 24 -22.36 -30.08 21.76
N GLY A 25 -23.61 -29.70 21.95
CA GLY A 25 -24.03 -29.06 23.17
C GLY A 25 -24.23 -27.58 23.05
N ASN A 26 -24.22 -27.05 21.85
CA ASN A 26 -24.40 -25.62 21.63
C ASN A 26 -25.52 -25.47 20.62
N THR A 27 -26.44 -24.55 20.89
CA THR A 27 -27.47 -24.21 19.93
C THR A 27 -27.37 -22.74 19.62
N VAL A 28 -27.48 -22.43 18.34
CA VAL A 28 -27.19 -21.12 17.78
C VAL A 28 -28.47 -20.48 17.30
N ALA A 29 -28.74 -19.26 17.77
CA ALA A 29 -29.80 -18.43 17.22
C ALA A 29 -29.16 -17.46 16.22
N LEU A 30 -29.40 -17.69 14.92
CA LEU A 30 -28.86 -16.87 13.83
C LEU A 30 -29.88 -15.79 13.46
N CYS A 31 -29.66 -14.59 13.97
CA CYS A 31 -30.59 -13.48 13.89
C CYS A 31 -30.14 -12.46 12.86
N ASP A 32 -31.11 -11.74 12.31
CA ASP A 32 -30.86 -10.52 11.55
C ASP A 32 -32.10 -9.64 11.61
N ILE A 33 -32.03 -8.50 10.92
CA ILE A 33 -33.06 -7.47 11.02
C ILE A 33 -34.37 -7.93 10.38
N LYS A 34 -34.29 -8.58 9.23
CA LYS A 34 -35.47 -9.14 8.59
C LYS A 34 -35.40 -10.66 8.66
N GLN A 35 -36.46 -11.26 9.18
CA GLN A 35 -36.49 -12.71 9.32
C GLN A 35 -36.03 -13.43 8.06
N GLU A 36 -36.24 -12.83 6.90
CA GLU A 36 -35.87 -13.51 5.66
C GLU A 36 -34.38 -13.40 5.39
N TRP A 37 -33.71 -12.45 6.03
CA TRP A 37 -32.26 -12.33 5.93
C TRP A 37 -31.58 -13.44 6.73
N ALA A 38 -32.17 -13.83 7.86
CA ALA A 38 -31.62 -14.95 8.63
C ALA A 38 -31.85 -16.27 7.92
N GLU A 39 -33.02 -16.44 7.30
CA GLU A 39 -33.33 -17.65 6.57
C GLU A 39 -32.42 -17.81 5.36
N ASN A 40 -32.14 -16.71 4.66
CA ASN A 40 -31.16 -16.79 3.60
C ASN A 40 -29.78 -17.12 4.15
N GLY A 41 -29.51 -16.74 5.41
CA GLY A 41 -28.23 -17.07 6.02
C GLY A 41 -28.10 -18.54 6.35
N LEU A 42 -29.16 -19.13 6.91
CA LEU A 42 -29.18 -20.57 7.18
C LEU A 42 -29.22 -21.40 5.91
N ALA A 43 -29.88 -20.92 4.84
CA ALA A 43 -29.81 -21.64 3.57
C ALA A 43 -28.43 -21.52 2.95
N LYS A 44 -27.77 -20.37 3.12
CA LYS A 44 -26.40 -20.24 2.66
C LYS A 44 -25.47 -21.20 3.41
N ILE A 45 -25.65 -21.34 4.73
CA ILE A 45 -24.87 -22.35 5.46
C ILE A 45 -25.16 -23.75 4.91
N LYS A 46 -26.42 -24.04 4.62
CA LYS A 46 -26.81 -25.36 4.15
C LYS A 46 -26.25 -25.64 2.75
N LYS A 47 -26.45 -24.72 1.82
CA LYS A 47 -25.87 -24.82 0.49
C LYS A 47 -24.37 -25.03 0.55
N GLY A 48 -23.67 -24.26 1.38
CA GLY A 48 -22.22 -24.42 1.50
C GLY A 48 -21.81 -25.78 2.01
N TYR A 49 -22.59 -26.35 2.96
CA TYR A 49 -22.32 -27.71 3.44
C TYR A 49 -22.68 -28.78 2.40
N GLU A 50 -23.61 -28.49 1.51
CA GLU A 50 -23.85 -29.44 0.42
C GLU A 50 -22.66 -29.54 -0.51
N LYS A 51 -21.86 -28.48 -0.65
CA LYS A 51 -20.69 -28.54 -1.52
C LYS A 51 -19.58 -29.40 -0.93
N LEU A 52 -19.32 -29.25 0.37
CA LEU A 52 -18.27 -30.03 0.98
C LEU A 52 -18.59 -31.51 0.95
N VAL A 53 -19.83 -31.88 1.32
CA VAL A 53 -20.24 -33.29 1.26
C VAL A 53 -19.99 -33.84 -0.13
N ALA A 54 -20.24 -33.02 -1.15
CA ALA A 54 -19.94 -33.39 -2.51
C ALA A 54 -18.44 -33.56 -2.70
N LYS A 55 -17.66 -32.54 -2.32
CA LYS A 55 -16.22 -32.67 -2.51
C LYS A 55 -15.61 -33.67 -1.54
N GLY A 56 -16.44 -34.29 -0.70
CA GLY A 56 -16.02 -35.42 0.10
C GLY A 56 -15.29 -35.10 1.38
N LYS A 57 -15.35 -33.84 1.85
CA LYS A 57 -14.55 -33.39 2.97
C LYS A 57 -15.34 -33.30 4.27
N ILE A 58 -16.61 -33.67 4.27
CA ILE A 58 -17.38 -33.70 5.52
C ILE A 58 -18.47 -34.75 5.34
N PRO A 59 -18.83 -35.50 6.39
CA PRO A 59 -19.93 -36.47 6.26
C PRO A 59 -21.29 -35.80 6.39
N GLN A 60 -22.25 -36.29 5.61
CA GLN A 60 -23.56 -35.64 5.54
C GLN A 60 -24.27 -35.61 6.89
N GLU A 61 -24.09 -36.65 7.73
CA GLU A 61 -24.68 -36.66 9.06
C GLU A 61 -24.18 -35.49 9.91
N LYS A 62 -22.88 -35.17 9.80
CA LYS A 62 -22.32 -34.01 10.49
C LYS A 62 -22.96 -32.72 10.02
N ALA A 63 -22.98 -32.51 8.71
CA ALA A 63 -23.61 -31.31 8.19
C ALA A 63 -25.02 -31.15 8.76
N ASP A 64 -25.80 -32.23 8.72
CA ASP A 64 -27.16 -32.24 9.23
C ASP A 64 -27.18 -31.94 10.72
N ALA A 65 -26.24 -32.52 11.46
CA ALA A 65 -26.10 -32.28 12.90
C ALA A 65 -25.74 -30.82 13.22
N ILE A 66 -24.91 -30.20 12.37
CA ILE A 66 -24.61 -28.77 12.52
C ILE A 66 -25.85 -27.93 12.21
N VAL A 67 -26.45 -28.15 11.04
CA VAL A 67 -27.57 -27.31 10.63
C VAL A 67 -28.69 -27.36 11.66
N ALA A 68 -28.91 -28.52 12.29
CA ALA A 68 -30.01 -28.72 13.22
C ALA A 68 -29.88 -27.90 14.48
N ALA A 69 -28.69 -27.39 14.79
CA ALA A 69 -28.47 -26.62 16.00
C ALA A 69 -28.55 -25.12 15.76
N ILE A 70 -28.82 -24.70 14.52
CA ILE A 70 -28.96 -23.30 14.15
C ILE A 70 -30.43 -22.98 13.86
N THR A 71 -30.95 -21.92 14.48
CA THR A 71 -32.34 -21.48 14.30
C THR A 71 -32.38 -20.04 13.81
N PRO A 72 -32.86 -19.76 12.59
CA PRO A 72 -32.98 -18.36 12.17
C PRO A 72 -34.19 -17.68 12.78
N GLY A 73 -34.07 -16.36 12.96
CA GLY A 73 -35.15 -15.61 13.59
C GLY A 73 -34.76 -14.18 13.91
N LEU A 74 -35.43 -13.63 14.90
CA LEU A 74 -35.23 -12.25 15.32
C LEU A 74 -34.80 -12.26 16.79
N LYS A 75 -33.92 -11.32 17.16
CA LYS A 75 -33.31 -11.34 18.48
C LYS A 75 -34.35 -11.18 19.59
N GLU A 76 -35.36 -10.34 19.36
CA GLU A 76 -36.50 -10.30 20.26
C GLU A 76 -37.05 -11.70 20.54
N ASN A 77 -37.08 -12.59 19.55
CA ASN A 77 -37.73 -13.87 19.76
C ASN A 77 -36.79 -14.94 20.33
N LEU A 78 -35.50 -14.95 19.95
CA LEU A 78 -34.63 -16.08 20.21
C LEU A 78 -33.55 -15.85 21.27
N CYS A 79 -33.28 -14.62 21.66
CA CYS A 79 -32.08 -14.33 22.45
C CYS A 79 -32.36 -14.07 23.94
N ALA A 80 -33.56 -14.41 24.43
CA ALA A 80 -33.89 -14.12 25.82
C ALA A 80 -32.94 -14.85 26.76
N ASP A 81 -32.99 -16.17 26.75
CA ASP A 81 -32.15 -16.99 27.61
C ASP A 81 -30.88 -17.41 26.90
N CYS A 82 -30.26 -16.49 26.15
CA CYS A 82 -28.97 -16.75 25.52
C CYS A 82 -27.84 -16.53 26.50
N ASP A 83 -26.83 -17.40 26.42
CA ASP A 83 -25.67 -17.34 27.31
C ASP A 83 -24.61 -16.39 26.81
N LEU A 84 -24.49 -16.28 25.49
CA LEU A 84 -23.50 -15.44 24.85
C LEU A 84 -24.13 -14.79 23.62
N ILE A 85 -23.89 -13.49 23.43
CA ILE A 85 -24.25 -12.79 22.21
C ILE A 85 -22.97 -12.41 21.46
N VAL A 86 -22.87 -12.82 20.19
CA VAL A 86 -21.76 -12.43 19.31
C VAL A 86 -22.34 -11.75 18.08
N GLU A 87 -22.16 -10.43 18.01
CA GLU A 87 -22.65 -9.63 16.89
C GLU A 87 -21.59 -9.53 15.79
N ALA A 88 -22.03 -9.77 14.56
CA ALA A 88 -21.21 -9.64 13.38
C ALA A 88 -22.07 -8.97 12.31
N ALA A 89 -22.74 -7.91 12.72
CA ALA A 89 -23.56 -7.09 11.85
C ALA A 89 -22.67 -6.06 11.15
N PHE A 90 -23.30 -5.15 10.42
CA PHE A 90 -22.56 -4.22 9.59
C PHE A 90 -21.67 -3.36 10.48
N GLU A 91 -20.56 -2.90 9.90
CA GLU A 91 -19.58 -2.13 10.64
C GLU A 91 -20.01 -0.66 10.72
N ASP A 92 -21.08 -0.41 11.47
CA ASP A 92 -21.53 0.96 11.67
C ASP A 92 -21.73 1.13 13.16
N MET A 93 -21.28 2.27 13.70
CA MET A 93 -21.28 2.47 15.16
C MET A 93 -22.70 2.48 15.71
N LYS A 94 -23.57 3.32 15.15
CA LYS A 94 -24.92 3.49 15.69
C LYS A 94 -25.78 2.24 15.58
N VAL A 95 -25.61 1.46 14.50
CA VAL A 95 -26.29 0.17 14.38
C VAL A 95 -25.94 -0.75 15.54
N LYS A 96 -24.65 -0.83 15.90
CA LYS A 96 -24.16 -1.62 17.03
C LYS A 96 -24.73 -1.14 18.36
N GLN A 97 -24.69 0.17 18.61
CA GLN A 97 -25.18 0.69 19.88
C GLN A 97 -26.68 0.48 20.00
N THR A 98 -27.39 0.51 18.87
CA THR A 98 -28.82 0.23 18.92
C THR A 98 -29.07 -1.25 19.19
N THR A 99 -28.45 -2.13 18.40
CA THR A 99 -28.60 -3.56 18.60
C THR A 99 -28.38 -3.92 20.06
N PHE A 100 -27.28 -3.45 20.65
CA PHE A 100 -26.91 -3.83 22.00
C PHE A 100 -27.80 -3.18 23.05
N GLY A 101 -28.26 -1.97 22.78
CA GLY A 101 -29.23 -1.35 23.67
C GLY A 101 -30.55 -2.09 23.70
N GLU A 102 -30.95 -2.70 22.58
CA GLU A 102 -32.16 -3.52 22.63
C GLU A 102 -31.90 -4.84 23.33
N LEU A 103 -30.84 -5.53 22.92
CA LEU A 103 -30.51 -6.80 23.54
C LEU A 103 -30.30 -6.66 25.04
N ASP A 104 -29.85 -5.49 25.51
CA ASP A 104 -29.64 -5.29 26.93
C ASP A 104 -30.93 -5.44 27.72
N LYS A 105 -32.05 -5.05 27.12
CA LYS A 105 -33.34 -5.29 27.73
C LYS A 105 -33.84 -6.71 27.47
N ILE A 106 -33.55 -7.28 26.29
CA ILE A 106 -34.07 -8.60 25.94
C ILE A 106 -33.41 -9.68 26.81
N CYS A 107 -32.09 -9.68 26.89
CA CYS A 107 -31.36 -10.82 27.40
C CYS A 107 -31.41 -10.88 28.91
N LYS A 108 -31.40 -12.10 29.43
CA LYS A 108 -31.25 -12.31 30.86
C LYS A 108 -30.00 -11.57 31.33
N PRO A 109 -29.89 -11.26 32.61
CA PRO A 109 -28.69 -10.56 33.09
C PRO A 109 -27.41 -11.37 32.95
N GLU A 110 -27.47 -12.71 33.00
CA GLU A 110 -26.27 -13.54 32.93
C GLU A 110 -25.59 -13.50 31.57
N CYS A 111 -26.19 -12.87 30.57
CA CYS A 111 -25.73 -13.02 29.19
C CYS A 111 -24.46 -12.22 28.96
N ILE A 112 -23.54 -12.81 28.21
CA ILE A 112 -22.30 -12.15 27.80
C ILE A 112 -22.51 -11.49 26.46
N PHE A 113 -22.23 -10.18 26.38
CA PHE A 113 -22.27 -9.42 25.14
C PHE A 113 -20.86 -9.34 24.56
N ALA A 114 -20.72 -9.75 23.31
CA ALA A 114 -19.47 -9.74 22.58
C ALA A 114 -19.72 -9.24 21.16
N SER A 115 -18.71 -8.61 20.55
CA SER A 115 -18.77 -8.08 19.18
C SER A 115 -17.53 -8.48 18.39
N ASN A 116 -17.73 -8.92 17.15
CA ASN A 116 -16.69 -9.43 16.26
C ASN A 116 -16.03 -8.31 15.46
N THR A 117 -16.36 -7.05 15.76
CA THR A 117 -15.88 -5.92 14.99
C THR A 117 -14.35 -5.87 14.97
N ALA A 118 -13.84 -5.35 13.85
CA ALA A 118 -12.41 -5.16 13.62
C ALA A 118 -12.05 -3.72 13.32
N SER A 119 -13.02 -2.82 13.19
CA SER A 119 -12.79 -1.46 12.77
C SER A 119 -13.25 -0.43 13.80
N LEU A 120 -14.01 -0.84 14.80
CA LEU A 120 -14.61 0.08 15.76
C LEU A 120 -14.13 -0.24 17.16
N SER A 121 -14.31 0.76 18.03
CA SER A 121 -13.94 0.67 19.43
C SER A 121 -14.98 -0.16 20.18
N ILE A 122 -14.48 -1.23 20.80
CA ILE A 122 -15.25 -1.99 21.77
C ILE A 122 -15.71 -1.06 22.88
N THR A 123 -14.83 -0.11 23.23
CA THR A 123 -15.08 0.81 24.33
C THR A 123 -16.26 1.72 24.04
N GLU A 124 -16.34 2.25 22.82
CA GLU A 124 -17.39 3.19 22.46
C GLU A 124 -18.71 2.48 22.14
N ILE A 125 -18.65 1.22 21.72
CA ILE A 125 -19.87 0.48 21.36
C ILE A 125 -20.71 0.19 22.59
N GLY A 126 -20.07 -0.22 23.69
CA GLY A 126 -20.77 -0.67 24.88
C GLY A 126 -20.84 0.35 26.00
N LYS A 127 -20.69 1.62 25.63
CA LYS A 127 -20.62 2.71 26.60
C LYS A 127 -21.87 2.74 27.48
N GLY A 128 -23.02 3.02 26.90
CA GLY A 128 -24.24 3.16 27.67
C GLY A 128 -24.82 1.89 28.29
N LEU A 129 -24.22 0.72 28.07
CA LEU A 129 -24.85 -0.54 28.41
C LEU A 129 -24.87 -0.78 29.93
N SER A 130 -25.67 -1.76 30.35
CA SER A 130 -25.82 -2.14 31.75
C SER A 130 -24.92 -3.30 32.15
N ARG A 131 -23.97 -3.66 31.30
CA ARG A 131 -23.16 -4.85 31.49
C ARG A 131 -21.93 -4.72 30.59
N PRO A 132 -20.90 -5.55 30.81
CA PRO A 132 -19.68 -5.41 30.02
C PRO A 132 -19.88 -5.76 28.54
N LEU A 133 -19.29 -4.96 27.66
CA LEU A 133 -19.15 -5.32 26.26
C LEU A 133 -17.70 -5.71 26.00
N VAL A 134 -17.50 -6.81 25.28
CA VAL A 134 -16.19 -7.37 25.02
C VAL A 134 -16.07 -7.62 23.52
N GLY A 135 -14.81 -7.76 23.06
CA GLY A 135 -14.53 -8.09 21.68
C GLY A 135 -14.09 -9.55 21.59
N MET A 136 -14.72 -10.27 20.67
CA MET A 136 -14.43 -11.68 20.41
C MET A 136 -14.28 -11.77 18.90
N HIS A 137 -13.06 -11.67 18.45
CA HIS A 137 -12.79 -11.42 17.06
C HIS A 137 -12.39 -12.72 16.38
N PHE A 138 -13.21 -13.15 15.42
CA PHE A 138 -13.01 -14.33 14.60
C PHE A 138 -12.34 -14.02 13.28
N PHE A 139 -11.85 -15.08 12.65
CA PHE A 139 -11.07 -14.93 11.44
C PHE A 139 -11.65 -15.87 10.39
N ASN A 140 -12.03 -15.31 9.27
CA ASN A 140 -12.61 -16.04 8.16
C ASN A 140 -11.69 -17.13 7.63
N PRO A 141 -12.12 -18.40 7.58
CA PRO A 141 -13.44 -18.87 8.01
C PRO A 141 -13.49 -19.24 9.49
N ALA A 142 -14.42 -18.60 10.20
CA ALA A 142 -14.42 -18.64 11.66
C ALA A 142 -14.53 -20.07 12.18
N ASP A 143 -15.11 -20.96 11.38
CA ASP A 143 -15.25 -22.34 11.80
C ASP A 143 -13.98 -23.15 11.58
N ARG A 144 -12.97 -22.57 10.94
CA ARG A 144 -11.76 -23.34 10.70
C ARG A 144 -10.52 -22.66 11.25
N MET A 145 -10.51 -21.33 11.31
CA MET A 145 -9.43 -20.61 11.97
C MET A 145 -9.52 -20.80 13.49
N LYS A 146 -8.41 -21.14 14.13
CA LYS A 146 -8.42 -21.40 15.58
C LYS A 146 -8.11 -20.18 16.43
N LEU A 147 -7.74 -19.05 15.83
CA LEU A 147 -7.44 -17.87 16.61
C LEU A 147 -8.72 -17.11 16.95
N ILE A 148 -8.80 -16.69 18.20
CA ILE A 148 -9.76 -15.70 18.64
C ILE A 148 -8.99 -14.61 19.37
N GLU A 149 -9.14 -13.37 18.93
CA GLU A 149 -8.68 -12.24 19.69
C GLU A 149 -9.79 -11.78 20.62
N VAL A 150 -9.52 -11.80 21.93
CA VAL A 150 -10.42 -11.31 22.96
C VAL A 150 -9.97 -9.91 23.33
N ILE A 151 -10.78 -8.91 23.00
CA ILE A 151 -10.42 -7.51 23.16
C ILE A 151 -11.06 -6.99 24.44
N ALA A 152 -10.24 -6.54 25.39
CA ALA A 152 -10.72 -5.78 26.54
C ALA A 152 -10.84 -4.31 26.16
N GLY A 153 -11.97 -3.70 26.53
CA GLY A 153 -12.15 -2.27 26.39
C GLY A 153 -11.75 -1.54 27.65
N CYS A 154 -11.95 -0.23 27.63
CA CYS A 154 -11.49 0.58 28.74
C CYS A 154 -12.16 0.16 30.05
N ASN A 155 -13.39 -0.39 30.00
CA ASN A 155 -14.15 -0.73 31.19
C ASN A 155 -14.54 -2.20 31.26
N THR A 156 -14.06 -3.02 30.35
CA THR A 156 -14.40 -4.44 30.34
C THR A 156 -13.70 -5.20 31.46
N PRO A 157 -14.43 -5.72 32.45
CA PRO A 157 -13.77 -6.34 33.60
C PRO A 157 -13.02 -7.60 33.20
N ALA A 158 -12.10 -7.99 34.07
CA ALA A 158 -11.22 -9.12 33.76
C ALA A 158 -11.96 -10.46 33.76
N GLU A 159 -12.95 -10.63 34.64
CA GLU A 159 -13.77 -11.84 34.61
C GLU A 159 -14.44 -12.02 33.27
N THR A 160 -14.89 -10.92 32.67
CA THR A 160 -15.52 -10.97 31.36
C THR A 160 -14.53 -11.40 30.29
N VAL A 161 -13.28 -10.92 30.37
CA VAL A 161 -12.26 -11.43 29.47
C VAL A 161 -11.98 -12.90 29.77
N GLU A 162 -12.02 -13.27 31.05
CA GLU A 162 -11.68 -14.64 31.39
C GLU A 162 -12.75 -15.60 30.88
N LYS A 163 -14.02 -15.20 30.94
CA LYS A 163 -15.10 -16.07 30.48
C LYS A 163 -15.02 -16.33 28.97
N ILE A 164 -14.84 -15.28 28.17
CA ILE A 164 -14.66 -15.48 26.72
C ILE A 164 -13.43 -16.34 26.43
N LYS A 165 -12.40 -16.24 27.27
CA LYS A 165 -11.28 -17.16 27.22
C LYS A 165 -11.74 -18.62 27.38
N GLU A 166 -12.45 -18.94 28.46
CA GLU A 166 -12.90 -20.32 28.65
C GLU A 166 -13.77 -20.77 27.49
N ILE A 167 -14.66 -19.88 27.00
CA ILE A 167 -15.61 -20.28 25.95
C ILE A 167 -14.87 -20.61 24.65
N SER A 168 -13.79 -19.85 24.33
CA SER A 168 -13.00 -20.06 23.11
C SER A 168 -12.25 -21.38 23.15
N VAL A 169 -11.81 -21.80 24.33
CA VAL A 169 -11.18 -23.09 24.46
C VAL A 169 -12.23 -24.18 24.37
N ALA A 170 -13.41 -23.93 24.97
CA ALA A 170 -14.51 -24.89 24.90
C ALA A 170 -14.88 -25.22 23.46
N ILE A 171 -14.83 -24.23 22.58
CA ILE A 171 -15.12 -24.44 21.17
C ILE A 171 -13.85 -24.71 20.37
N GLY A 172 -12.75 -25.05 21.04
CA GLY A 172 -11.56 -25.50 20.34
C GLY A 172 -10.75 -24.39 19.71
N LYS A 173 -10.86 -23.16 20.19
CA LYS A 173 -10.09 -22.04 19.67
C LYS A 173 -9.00 -21.69 20.67
N ASN A 174 -8.04 -20.87 20.21
CA ASN A 174 -6.94 -20.37 21.03
C ASN A 174 -7.11 -18.89 21.26
N PRO A 175 -7.51 -18.46 22.44
CA PRO A 175 -7.72 -17.03 22.67
C PRO A 175 -6.41 -16.31 22.87
N VAL A 176 -6.41 -15.03 22.49
CA VAL A 176 -5.29 -14.14 22.71
C VAL A 176 -5.85 -12.83 23.26
N GLN A 177 -5.46 -12.48 24.48
CA GLN A 177 -5.96 -11.26 25.09
C GLN A 177 -5.30 -10.04 24.49
N VAL A 178 -6.11 -9.06 24.12
CA VAL A 178 -5.65 -7.84 23.49
C VAL A 178 -6.33 -6.68 24.22
N ASN A 179 -5.56 -5.69 24.64
CA ASN A 179 -6.14 -4.45 25.16
C ASN A 179 -6.37 -3.48 24.02
N GLU A 180 -7.56 -2.89 23.99
CA GLU A 180 -8.08 -2.26 22.78
C GLU A 180 -7.15 -1.24 22.18
N ALA A 181 -6.62 -1.55 21.00
CA ALA A 181 -5.95 -0.58 20.17
C ALA A 181 -6.32 -0.91 18.73
N ALA A 182 -6.24 0.08 17.87
CA ALA A 182 -6.65 -0.11 16.49
C ALA A 182 -5.87 -1.24 15.84
N GLY A 183 -6.59 -2.12 15.14
CA GLY A 183 -5.98 -3.22 14.42
C GLY A 183 -5.73 -4.46 15.25
N PHE A 184 -5.86 -4.38 16.56
CA PHE A 184 -5.66 -5.45 17.53
C PHE A 184 -4.21 -5.95 17.39
N VAL A 185 -3.97 -7.25 17.28
CA VAL A 185 -2.65 -7.81 16.98
C VAL A 185 -2.54 -8.20 15.52
N VAL A 186 -3.44 -9.08 15.03
CA VAL A 186 -3.25 -9.69 13.71
C VAL A 186 -3.37 -8.67 12.58
N ASN A 187 -4.39 -7.82 12.63
CA ASN A 187 -4.64 -6.89 11.51
C ASN A 187 -3.60 -5.78 11.45
N ARG A 188 -3.12 -5.35 12.61
CA ARG A 188 -2.11 -4.30 12.70
C ARG A 188 -0.78 -4.74 12.10
N ILE A 189 -0.47 -6.03 12.16
CA ILE A 189 0.76 -6.51 11.55
C ILE A 189 0.53 -6.87 10.09
N LEU A 190 -0.59 -7.53 9.80
CA LEU A 190 -0.76 -8.18 8.51
C LEU A 190 -1.09 -7.20 7.39
N ILE A 191 -2.00 -6.25 7.62
CA ILE A 191 -2.44 -5.38 6.53
C ILE A 191 -1.32 -4.40 6.17
N PRO A 192 -0.56 -3.85 7.13
CA PRO A 192 0.61 -3.04 6.76
C PRO A 192 1.64 -3.81 5.93
N MET A 193 1.66 -5.14 6.05
CA MET A 193 2.43 -5.99 5.15
C MET A 193 1.93 -5.87 3.73
N ILE A 194 0.64 -6.15 3.52
CA ILE A 194 0.04 -6.02 2.20
C ILE A 194 0.33 -4.65 1.62
N ASN A 195 0.27 -3.63 2.47
CA ASN A 195 0.46 -2.25 2.04
C ASN A 195 1.89 -1.97 1.59
N GLU A 196 2.87 -2.53 2.32
CA GLU A 196 4.26 -2.42 1.88
C GLU A 196 4.49 -3.13 0.57
N ALA A 197 3.93 -4.33 0.41
CA ALA A 197 4.08 -5.03 -0.85
C ALA A 197 3.49 -4.25 -2.00
N ALA A 198 2.57 -3.32 -1.70
CA ALA A 198 1.95 -2.49 -2.73
C ALA A 198 2.79 -1.26 -3.00
N PHE A 199 3.45 -0.73 -1.97
CA PHE A 199 4.40 0.35 -2.20
C PHE A 199 5.54 -0.14 -3.08
N ILE A 200 5.99 -1.38 -2.85
CA ILE A 200 7.09 -1.98 -3.60
C ILE A 200 6.68 -2.17 -5.06
N LYS A 201 5.41 -2.49 -5.30
CA LYS A 201 4.93 -2.55 -6.66
C LYS A 201 4.89 -1.16 -7.28
N MET A 202 4.28 -0.21 -6.57
CA MET A 202 4.11 1.16 -7.05
C MET A 202 5.44 1.86 -7.34
N GLU A 203 6.44 1.64 -6.50
CA GLU A 203 7.73 2.28 -6.67
C GLU A 203 8.60 1.58 -7.69
N GLY A 204 8.12 0.48 -8.25
CA GLY A 204 8.82 -0.13 -9.34
C GLY A 204 9.93 -1.07 -8.94
N VAL A 205 9.97 -1.45 -7.66
CA VAL A 205 11.07 -2.27 -7.17
C VAL A 205 10.98 -3.68 -7.74
N SER A 206 9.80 -4.29 -7.70
CA SER A 206 9.66 -5.64 -8.26
C SER A 206 8.22 -5.79 -8.80
N ASP A 207 7.96 -6.92 -9.50
CA ASP A 207 6.66 -7.16 -10.11
C ASP A 207 5.78 -7.97 -9.16
N ILE A 208 4.50 -8.11 -9.54
CA ILE A 208 3.48 -8.70 -8.66
C ILE A 208 3.81 -10.14 -8.33
N ALA A 209 4.03 -10.99 -9.34
CA ALA A 209 4.35 -12.37 -9.04
C ALA A 209 5.68 -12.48 -8.28
N GLY A 210 6.61 -11.57 -8.56
CA GLY A 210 7.90 -11.60 -7.89
C GLY A 210 7.82 -11.26 -6.41
N ILE A 211 7.09 -10.21 -6.06
CA ILE A 211 6.85 -9.89 -4.64
C ILE A 211 6.18 -11.06 -3.92
N ASP A 212 5.27 -11.74 -4.61
CA ASP A 212 4.55 -12.80 -3.93
C ASP A 212 5.41 -14.05 -3.84
N THR A 213 6.11 -14.35 -4.92
CA THR A 213 7.04 -15.47 -4.94
C THR A 213 8.11 -15.29 -3.87
N ALA A 214 8.66 -14.08 -3.76
CA ALA A 214 9.69 -13.83 -2.76
C ALA A 214 9.16 -14.06 -1.36
N MET A 215 7.95 -13.60 -1.08
CA MET A 215 7.36 -13.79 0.23
C MET A 215 7.02 -15.24 0.50
N LYS A 216 6.70 -16.01 -0.54
CA LYS A 216 6.37 -17.40 -0.29
C LYS A 216 7.62 -18.26 -0.09
N LEU A 217 8.66 -18.05 -0.91
CA LEU A 217 9.89 -18.83 -0.81
C LEU A 217 10.91 -18.25 0.16
N GLY A 218 10.83 -16.96 0.45
CA GLY A 218 11.82 -16.29 1.28
C GLY A 218 11.51 -16.24 2.76
N ALA A 219 10.22 -16.19 3.10
CA ALA A 219 9.77 -16.21 4.49
C ALA A 219 8.91 -17.40 4.83
N ASN A 220 8.63 -18.31 3.88
CA ASN A 220 7.77 -19.48 4.08
C ASN A 220 6.34 -19.06 4.43
N HIS A 221 5.87 -17.98 3.80
CA HIS A 221 4.49 -17.62 4.04
C HIS A 221 3.56 -18.41 3.12
N PRO A 222 2.35 -18.76 3.59
CA PRO A 222 1.48 -19.62 2.75
C PRO A 222 1.03 -18.93 1.46
N MET A 223 0.82 -17.62 1.48
CA MET A 223 0.50 -16.85 0.29
C MET A 223 1.48 -15.70 0.16
N GLY A 224 1.53 -15.12 -1.03
CA GLY A 224 2.12 -13.83 -1.21
C GLY A 224 1.26 -12.76 -0.58
N PRO A 225 1.84 -11.59 -0.29
CA PRO A 225 1.03 -10.52 0.32
C PRO A 225 -0.01 -9.92 -0.62
N LEU A 226 0.26 -9.90 -1.93
CA LEU A 226 -0.68 -9.32 -2.89
C LEU A 226 -1.78 -10.31 -3.27
N GLU A 227 -1.40 -11.57 -3.49
CA GLU A 227 -2.36 -12.67 -3.53
C GLU A 227 -3.31 -12.57 -2.34
N LEU A 228 -2.76 -12.41 -1.16
CA LEU A 228 -3.54 -12.41 0.08
C LEU A 228 -4.51 -11.22 0.11
N GLY A 229 -4.06 -10.08 -0.39
CA GLY A 229 -4.91 -8.90 -0.38
C GLY A 229 -6.10 -9.05 -1.30
N ASP A 230 -5.90 -9.69 -2.44
CA ASP A 230 -7.02 -10.04 -3.32
C ASP A 230 -8.01 -10.96 -2.63
N PHE A 231 -7.49 -11.89 -1.85
CA PHE A 231 -8.34 -12.88 -1.21
C PHE A 231 -9.06 -12.31 0.01
N ILE A 232 -8.42 -11.39 0.72
CA ILE A 232 -9.10 -10.66 1.78
C ILE A 232 -10.07 -9.65 1.19
N GLY A 233 -9.68 -8.99 0.12
CA GLY A 233 -10.49 -7.94 -0.49
C GLY A 233 -9.82 -6.61 -0.26
N LEU A 234 -9.38 -6.00 -1.34
CA LEU A 234 -8.56 -4.79 -1.25
C LEU A 234 -9.32 -3.66 -0.60
N ASP A 235 -10.66 -3.68 -0.72
CA ASP A 235 -11.47 -2.68 -0.04
C ASP A 235 -11.29 -2.79 1.46
N ILE A 236 -11.23 -4.00 1.96
CA ILE A 236 -11.07 -4.15 3.40
C ILE A 236 -9.64 -3.80 3.83
N CYS A 237 -8.63 -4.12 3.02
CA CYS A 237 -7.27 -3.69 3.34
C CYS A 237 -7.17 -2.18 3.40
N LEU A 238 -7.75 -1.50 2.42
CA LEU A 238 -7.76 -0.05 2.44
C LEU A 238 -8.41 0.45 3.73
N ALA A 239 -9.57 -0.10 4.10
CA ALA A 239 -10.29 0.41 5.25
C ALA A 239 -9.52 0.20 6.55
N ILE A 240 -8.81 -0.93 6.66
CA ILE A 240 -7.99 -1.18 7.83
C ILE A 240 -6.81 -0.22 7.85
N MET A 241 -6.19 -0.01 6.70
CA MET A 241 -5.10 0.94 6.69
C MET A 241 -5.60 2.30 7.13
N ASP A 242 -6.71 2.76 6.54
CA ASP A 242 -7.27 4.04 6.91
C ASP A 242 -7.72 4.09 8.36
N VAL A 243 -8.16 2.97 8.93
CA VAL A 243 -8.51 3.00 10.34
C VAL A 243 -7.24 3.11 11.18
N LEU A 244 -6.17 2.43 10.74
CA LEU A 244 -4.91 2.43 11.48
C LEU A 244 -4.26 3.80 11.47
N TYR A 245 -4.42 4.53 10.37
CA TYR A 245 -3.92 5.89 10.23
C TYR A 245 -4.73 6.90 11.06
N HIS A 246 -6.07 6.83 10.98
CA HIS A 246 -6.88 7.83 11.67
C HIS A 246 -6.85 7.67 13.19
N GLU A 247 -6.71 6.45 13.69
CA GLU A 247 -6.71 6.24 15.14
C GLU A 247 -5.41 6.73 15.76
N THR A 248 -4.29 6.48 15.09
CA THR A 248 -2.98 6.86 15.59
C THR A 248 -2.57 8.27 15.16
N GLY A 249 -3.00 8.73 14.00
CA GLY A 249 -2.51 9.99 13.48
C GLY A 249 -1.12 9.89 12.91
N ASP A 250 -0.67 8.68 12.63
CA ASP A 250 0.73 8.40 12.33
C ASP A 250 0.85 8.12 10.85
N SER A 251 1.67 8.92 10.17
CA SER A 251 1.90 8.79 8.75
C SER A 251 2.47 7.43 8.41
N LYS A 252 3.05 6.74 9.38
CA LYS A 252 3.55 5.39 9.17
C LYS A 252 2.49 4.46 8.59
N TYR A 253 1.22 4.66 8.93
CA TYR A 253 0.17 3.77 8.45
C TYR A 253 -0.62 4.36 7.30
N ARG A 254 -0.05 5.29 6.56
CA ARG A 254 -0.75 5.79 5.39
C ARG A 254 -0.97 4.64 4.41
N ALA A 255 -2.13 4.62 3.76
CA ALA A 255 -2.37 3.58 2.77
C ALA A 255 -1.66 3.93 1.47
N CYS A 256 -1.23 2.89 0.77
CA CYS A 256 -0.58 3.07 -0.53
C CYS A 256 -1.57 3.62 -1.56
N PRO A 257 -1.23 4.70 -2.29
CA PRO A 257 -2.23 5.27 -3.21
C PRO A 257 -2.61 4.32 -4.34
N LEU A 258 -1.83 3.26 -4.51
CA LEU A 258 -2.12 2.26 -5.52
C LEU A 258 -3.33 1.42 -5.12
N ILE A 259 -3.44 1.09 -3.84
CA ILE A 259 -4.59 0.36 -3.33
C ILE A 259 -5.84 1.21 -3.44
N ARG A 260 -5.74 2.49 -3.15
CA ARG A 260 -6.90 3.36 -3.20
C ARG A 260 -7.39 3.53 -4.64
N LYS A 261 -6.47 3.57 -5.59
CA LYS A 261 -6.85 3.76 -6.98
C LYS A 261 -7.53 2.51 -7.54
N MET A 262 -7.14 1.33 -7.07
CA MET A 262 -7.77 0.08 -7.49
C MET A 262 -9.16 -0.08 -6.85
N VAL A 263 -9.28 0.25 -5.58
CA VAL A 263 -10.59 0.20 -4.93
C VAL A 263 -11.56 1.18 -5.61
N ARG A 264 -11.09 2.41 -5.90
CA ARG A 264 -11.93 3.35 -6.65
C ARG A 264 -12.45 2.74 -7.95
N GLY A 265 -11.61 2.01 -8.67
CA GLY A 265 -12.01 1.43 -9.93
C GLY A 265 -12.80 0.16 -9.82
N GLY A 266 -13.04 -0.32 -8.60
CA GLY A 266 -13.78 -1.53 -8.34
C GLY A 266 -12.97 -2.81 -8.43
N ASN A 267 -11.64 -2.74 -8.45
CA ASN A 267 -10.80 -3.94 -8.57
C ASN A 267 -10.45 -4.41 -7.16
N LEU A 268 -11.40 -5.13 -6.56
CA LEU A 268 -11.30 -5.45 -5.15
C LEU A 268 -10.63 -6.79 -4.90
N GLY A 269 -10.25 -7.49 -5.93
CA GLY A 269 -9.56 -8.74 -5.76
C GLY A 269 -10.41 -9.91 -6.20
N CYS A 270 -10.32 -11.02 -5.48
CA CYS A 270 -11.03 -12.24 -5.88
C CYS A 270 -12.54 -12.04 -6.01
N LYS A 271 -13.12 -11.14 -5.22
CA LYS A 271 -14.57 -11.02 -5.24
C LYS A 271 -15.09 -10.26 -6.45
N THR A 272 -14.24 -9.54 -7.15
CA THR A 272 -14.59 -8.86 -8.37
C THR A 272 -13.93 -9.50 -9.57
N GLY A 273 -13.22 -10.59 -9.37
CA GLY A 273 -12.47 -11.21 -10.43
C GLY A 273 -11.21 -10.48 -10.84
N LYS A 274 -10.88 -9.37 -10.21
CA LYS A 274 -9.68 -8.64 -10.61
C LYS A 274 -9.18 -7.77 -9.47
N GLY A 275 -7.95 -8.02 -9.03
CA GLY A 275 -7.22 -7.12 -8.15
C GLY A 275 -5.82 -6.89 -8.67
N PHE A 276 -4.82 -7.34 -7.91
CA PHE A 276 -3.49 -7.44 -8.48
C PHE A 276 -3.42 -8.59 -9.47
N TYR A 277 -4.29 -9.58 -9.28
CA TYR A 277 -4.42 -10.68 -10.22
C TYR A 277 -5.79 -10.66 -10.88
N VAL A 278 -5.83 -11.19 -12.10
CA VAL A 278 -7.07 -11.43 -12.85
C VAL A 278 -7.47 -12.88 -12.64
N TYR A 279 -8.67 -13.12 -12.13
CA TYR A 279 -9.16 -14.46 -11.85
C TYR A 279 -10.07 -14.89 -13.01
N ASN A 280 -9.59 -15.82 -13.83
CA ASN A 280 -10.27 -16.24 -15.05
C ASN A 280 -11.18 -17.43 -14.80
N ALA A 281 -11.89 -17.85 -15.85
CA ALA A 281 -12.75 -19.02 -15.70
C ALA A 281 -11.92 -20.28 -15.53
N ASP A 282 -10.83 -20.45 -16.31
CA ASP A 282 -10.12 -21.73 -16.34
C ASP A 282 -9.23 -21.97 -15.11
N ARG A 283 -9.57 -21.36 -13.97
CA ARG A 283 -8.92 -21.57 -12.68
C ARG A 283 -7.48 -21.09 -12.61
N THR A 284 -7.05 -20.25 -13.56
CA THR A 284 -5.71 -19.69 -13.62
C THR A 284 -5.74 -18.21 -13.22
N LYS A 285 -4.70 -17.74 -12.55
CA LYS A 285 -4.62 -16.33 -12.20
C LYS A 285 -3.34 -15.73 -12.75
N THR A 286 -3.44 -14.56 -13.36
CA THR A 286 -2.33 -13.84 -13.98
C THR A 286 -2.22 -12.45 -13.38
N PRO A 287 -1.02 -12.01 -12.97
CA PRO A 287 -0.88 -10.68 -12.36
C PRO A 287 -1.18 -9.62 -13.40
N VAL A 288 -1.73 -8.48 -12.96
CA VAL A 288 -2.27 -7.55 -13.97
C VAL A 288 -1.17 -6.83 -14.75
N ASP A 289 0.06 -6.84 -14.25
CA ASP A 289 1.21 -6.35 -15.00
C ASP A 289 1.81 -7.41 -15.90
N ASN A 290 1.14 -8.55 -16.02
CA ASN A 290 1.44 -9.59 -17.00
C ASN A 290 2.76 -10.31 -16.70
N MET B 2 30.91 -25.08 -15.21
CA MET B 2 30.99 -23.70 -14.73
C MET B 2 31.83 -23.62 -13.44
N LYS B 3 32.58 -22.53 -13.29
CA LYS B 3 33.45 -22.32 -12.15
C LYS B 3 33.07 -21.04 -11.46
N ILE B 4 32.81 -21.13 -10.16
CA ILE B 4 32.32 -20.04 -9.35
C ILE B 4 33.33 -19.71 -8.28
N GLY B 5 33.56 -18.42 -8.05
CA GLY B 5 34.32 -17.97 -6.89
C GLY B 5 33.47 -17.40 -5.77
N VAL B 6 33.60 -17.90 -4.55
CA VAL B 6 32.82 -17.42 -3.42
C VAL B 6 33.76 -16.72 -2.45
N ILE B 7 33.54 -15.42 -2.27
CA ILE B 7 34.43 -14.58 -1.47
C ILE B 7 33.83 -14.38 -0.10
N GLY B 8 34.42 -15.06 0.88
CA GLY B 8 33.92 -15.13 2.25
C GLY B 8 33.66 -16.56 2.61
N ALA B 9 34.41 -17.12 3.56
CA ALA B 9 34.22 -18.50 4.00
C ALA B 9 33.40 -18.61 5.29
N GLY B 10 32.72 -17.54 5.68
CA GLY B 10 31.79 -17.56 6.79
C GLY B 10 30.55 -18.37 6.45
N THR B 11 29.51 -18.25 7.28
CA THR B 11 28.30 -19.05 7.13
C THR B 11 27.63 -18.84 5.77
N MET B 12 27.39 -17.59 5.38
CA MET B 12 26.79 -17.31 4.09
C MET B 12 27.64 -17.84 2.95
N GLY B 13 28.91 -17.42 2.91
CA GLY B 13 29.81 -17.98 1.91
C GLY B 13 29.81 -19.50 1.91
N GLN B 14 29.76 -20.11 3.08
CA GLN B 14 29.64 -21.56 3.13
C GLN B 14 28.36 -22.03 2.45
N GLY B 15 27.22 -21.42 2.80
CA GLY B 15 25.96 -21.87 2.24
C GLY B 15 25.85 -21.66 0.74
N ILE B 16 26.50 -20.61 0.22
CA ILE B 16 26.48 -20.31 -1.22
C ILE B 16 27.37 -21.29 -1.99
N ALA B 17 28.43 -21.79 -1.37
CA ALA B 17 29.34 -22.74 -2.01
C ALA B 17 28.71 -24.12 -2.15
N LYS B 18 27.97 -24.55 -1.12
CA LYS B 18 27.18 -25.78 -1.20
C LYS B 18 26.10 -25.68 -2.27
N ALA B 19 25.45 -24.51 -2.41
CA ALA B 19 24.42 -24.35 -3.42
C ALA B 19 24.94 -24.64 -4.83
N PHE B 20 26.14 -24.14 -5.15
CA PHE B 20 26.73 -24.34 -6.46
C PHE B 20 27.42 -25.70 -6.60
N ALA B 21 27.99 -26.23 -5.51
CA ALA B 21 28.66 -27.52 -5.58
C ALA B 21 27.70 -28.70 -5.53
N GLN B 22 26.51 -28.49 -4.98
CA GLN B 22 25.44 -29.47 -5.03
C GLN B 22 25.15 -29.91 -6.46
N VAL B 23 25.27 -29.00 -7.41
CA VAL B 23 24.87 -29.24 -8.79
C VAL B 23 26.07 -29.80 -9.55
N GLU B 24 25.84 -30.91 -10.25
CA GLU B 24 26.90 -31.57 -10.99
C GLU B 24 27.51 -30.63 -12.03
N GLY B 25 28.85 -30.64 -12.11
CA GLY B 25 29.54 -29.92 -13.14
C GLY B 25 30.07 -28.55 -12.76
N ASN B 26 29.75 -28.04 -11.58
CA ASN B 26 30.26 -26.75 -11.18
C ASN B 26 31.48 -26.96 -10.27
N THR B 27 32.41 -26.01 -10.30
CA THR B 27 33.48 -25.96 -9.32
C THR B 27 33.42 -24.63 -8.58
N VAL B 28 33.77 -24.67 -7.29
CA VAL B 28 33.72 -23.51 -6.41
C VAL B 28 35.09 -23.30 -5.77
N ALA B 29 35.62 -22.07 -5.86
CA ALA B 29 36.78 -21.65 -5.06
C ALA B 29 36.25 -20.89 -3.85
N LEU B 30 36.43 -21.47 -2.66
CA LEU B 30 35.97 -20.85 -1.41
C LEU B 30 37.14 -20.06 -0.83
N CYS B 31 37.10 -18.76 -1.02
CA CYS B 31 38.21 -17.90 -0.65
C CYS B 31 37.84 -17.03 0.54
N ASP B 32 38.88 -16.64 1.27
CA ASP B 32 38.80 -15.68 2.35
C ASP B 32 40.17 -15.01 2.44
N ILE B 33 40.32 -14.10 3.39
CA ILE B 33 41.50 -13.26 3.42
C ILE B 33 42.71 -14.00 4.00
N LYS B 34 42.49 -15.11 4.69
CA LYS B 34 43.54 -15.98 5.21
C LYS B 34 43.32 -17.37 4.66
N GLN B 35 44.38 -17.98 4.13
CA GLN B 35 44.27 -19.34 3.60
C GLN B 35 43.62 -20.27 4.60
N GLU B 36 43.90 -20.11 5.87
CA GLU B 36 43.33 -20.98 6.88
C GLU B 36 41.83 -20.77 7.02
N TRP B 37 41.39 -19.51 7.10
CA TRP B 37 39.97 -19.23 7.17
C TRP B 37 39.21 -20.01 6.12
N ALA B 38 39.61 -19.91 4.86
CA ALA B 38 38.94 -20.65 3.81
C ALA B 38 39.03 -22.16 4.03
N GLU B 39 40.14 -22.65 4.59
CA GLU B 39 40.24 -24.09 4.85
C GLU B 39 39.44 -24.50 6.05
N ASN B 40 39.21 -23.58 6.98
CA ASN B 40 38.27 -23.88 8.05
C ASN B 40 36.83 -23.84 7.54
N GLY B 41 36.52 -22.89 6.65
CA GLY B 41 35.23 -22.88 5.99
C GLY B 41 34.88 -24.22 5.38
N LEU B 42 35.79 -24.77 4.58
CA LEU B 42 35.56 -26.07 3.96
C LEU B 42 35.54 -27.19 4.97
N ALA B 43 36.16 -27.03 6.13
CA ALA B 43 36.07 -28.10 7.12
C ALA B 43 34.74 -28.08 7.85
N LYS B 44 34.18 -26.89 8.08
CA LYS B 44 32.81 -26.82 8.60
C LYS B 44 31.83 -27.42 7.60
N ILE B 45 32.05 -27.19 6.30
CA ILE B 45 31.18 -27.73 5.26
C ILE B 45 31.23 -29.25 5.25
N LYS B 46 32.43 -29.81 5.33
CA LYS B 46 32.57 -31.25 5.21
C LYS B 46 31.99 -31.96 6.41
N LYS B 47 32.07 -31.36 7.60
CA LYS B 47 31.49 -32.02 8.76
C LYS B 47 29.98 -31.84 8.83
N GLY B 48 29.43 -30.74 8.35
CA GLY B 48 27.99 -30.68 8.17
C GLY B 48 27.51 -31.79 7.25
N TYR B 49 28.34 -32.23 6.31
CA TYR B 49 27.94 -33.30 5.41
C TYR B 49 28.05 -34.67 6.08
N GLU B 50 28.95 -34.81 7.05
CA GLU B 50 29.04 -36.09 7.76
C GLU B 50 27.88 -36.29 8.71
N LYS B 51 27.35 -35.22 9.29
CA LYS B 51 26.14 -35.41 10.08
C LYS B 51 24.96 -35.82 9.21
N LEU B 52 24.92 -35.33 7.97
CA LEU B 52 23.85 -35.67 7.06
C LEU B 52 23.95 -37.13 6.61
N VAL B 53 25.17 -37.60 6.34
CA VAL B 53 25.35 -38.99 5.92
C VAL B 53 24.89 -39.94 7.02
N ALA B 54 25.32 -39.69 8.26
CA ALA B 54 24.94 -40.53 9.38
C ALA B 54 23.44 -40.43 9.64
N LYS B 55 22.86 -39.25 9.45
CA LYS B 55 21.41 -39.16 9.46
C LYS B 55 20.77 -39.87 8.26
N GLY B 56 21.57 -40.36 7.31
CA GLY B 56 21.03 -41.13 6.19
C GLY B 56 20.28 -40.33 5.16
N LYS B 57 20.50 -39.03 5.08
CA LYS B 57 19.74 -38.16 4.19
C LYS B 57 20.57 -37.66 3.01
N ILE B 58 21.64 -38.37 2.68
CA ILE B 58 22.55 -38.01 1.59
C ILE B 58 23.50 -39.18 1.32
N PRO B 59 23.67 -39.64 0.08
CA PRO B 59 24.64 -40.70 -0.18
C PRO B 59 26.04 -40.26 0.21
N GLN B 60 26.81 -41.23 0.74
CA GLN B 60 28.19 -40.99 1.12
C GLN B 60 29.06 -40.53 -0.06
N GLU B 61 28.67 -40.88 -1.29
CA GLU B 61 29.45 -40.49 -2.47
C GLU B 61 28.99 -39.18 -3.10
N LYS B 62 27.71 -38.82 -2.95
CA LYS B 62 27.26 -37.48 -3.35
C LYS B 62 27.87 -36.41 -2.46
N ALA B 63 28.01 -36.70 -1.16
CA ALA B 63 28.60 -35.74 -0.24
C ALA B 63 30.09 -35.57 -0.52
N ASP B 64 30.82 -36.68 -0.74
CA ASP B 64 32.22 -36.61 -1.10
C ASP B 64 32.43 -35.82 -2.38
N ALA B 65 31.58 -36.06 -3.39
CA ALA B 65 31.75 -35.35 -4.64
C ALA B 65 31.47 -33.86 -4.49
N ILE B 66 30.62 -33.47 -3.52
CA ILE B 66 30.37 -32.06 -3.26
C ILE B 66 31.61 -31.42 -2.66
N VAL B 67 32.16 -32.05 -1.63
CA VAL B 67 33.31 -31.50 -0.93
C VAL B 67 34.49 -31.41 -1.87
N ALA B 68 34.61 -32.37 -2.79
CA ALA B 68 35.68 -32.38 -3.78
C ALA B 68 35.62 -31.23 -4.77
N ALA B 69 34.44 -30.64 -5.00
CA ALA B 69 34.25 -29.57 -5.97
C ALA B 69 34.59 -28.18 -5.44
N ILE B 70 35.01 -28.07 -4.20
CA ILE B 70 35.25 -26.79 -3.54
C ILE B 70 36.73 -26.72 -3.22
N THR B 71 37.39 -25.60 -3.54
CA THR B 71 38.81 -25.46 -3.24
C THR B 71 39.08 -24.20 -2.41
N PRO B 72 39.69 -24.31 -1.23
CA PRO B 72 39.96 -23.13 -0.41
C PRO B 72 41.24 -22.42 -0.85
N GLY B 73 41.29 -21.14 -0.57
CA GLY B 73 42.53 -20.46 -0.88
C GLY B 73 42.35 -18.96 -0.86
N LEU B 74 43.22 -18.29 -1.62
CA LEU B 74 43.17 -16.85 -1.82
C LEU B 74 42.68 -16.55 -3.22
N LYS B 75 41.96 -15.43 -3.35
CA LYS B 75 41.34 -15.15 -4.64
C LYS B 75 42.40 -14.93 -5.69
N GLU B 76 43.55 -14.37 -5.29
CA GLU B 76 44.65 -14.12 -6.22
C GLU B 76 45.14 -15.40 -6.83
N ASN B 77 44.87 -16.53 -6.18
CA ASN B 77 45.29 -17.83 -6.69
C ASN B 77 44.20 -18.54 -7.46
N LEU B 78 42.92 -18.36 -7.11
CA LEU B 78 41.91 -19.30 -7.59
C LEU B 78 40.81 -18.74 -8.48
N CYS B 79 40.74 -17.43 -8.74
CA CYS B 79 39.52 -16.86 -9.32
C CYS B 79 39.69 -16.24 -10.71
N ALA B 80 40.86 -16.38 -11.33
CA ALA B 80 41.15 -15.65 -12.57
C ALA B 80 40.35 -16.20 -13.73
N ASP B 81 40.15 -17.50 -13.74
CA ASP B 81 39.35 -18.14 -14.77
C ASP B 81 37.97 -18.48 -14.23
N CYS B 82 37.51 -17.72 -13.23
CA CYS B 82 36.16 -17.89 -12.73
C CYS B 82 35.13 -17.33 -13.70
N ASP B 83 33.99 -18.00 -13.77
CA ASP B 83 32.87 -17.58 -14.60
C ASP B 83 31.89 -16.69 -13.86
N LEU B 84 31.77 -16.86 -12.55
CA LEU B 84 30.86 -16.07 -11.73
C LEU B 84 31.46 -15.94 -10.34
N ILE B 85 31.49 -14.72 -9.82
CA ILE B 85 31.98 -14.41 -8.47
C ILE B 85 30.79 -13.96 -7.63
N VAL B 86 30.51 -14.67 -6.54
CA VAL B 86 29.50 -14.28 -5.56
C VAL B 86 30.21 -13.84 -4.29
N GLU B 87 30.21 -12.55 -3.98
CA GLU B 87 30.86 -12.10 -2.75
C GLU B 87 29.91 -12.22 -1.58
N ALA B 88 30.45 -12.63 -0.42
CA ALA B 88 29.67 -12.84 0.80
C ALA B 88 30.55 -12.58 2.02
N ALA B 89 31.26 -11.47 2.03
CA ALA B 89 32.21 -11.11 3.07
C ALA B 89 31.66 -9.96 3.92
N PHE B 90 32.51 -9.41 4.78
CA PHE B 90 32.06 -8.50 5.83
C PHE B 90 31.34 -7.32 5.18
N GLU B 91 30.22 -6.93 5.76
CA GLU B 91 29.40 -5.85 5.22
C GLU B 91 30.00 -4.48 5.55
N ASP B 92 31.04 -4.11 4.81
CA ASP B 92 31.55 -2.77 4.98
C ASP B 92 31.87 -2.26 3.57
N MET B 93 31.44 -1.04 3.25
CA MET B 93 31.40 -0.61 1.85
C MET B 93 32.80 -0.51 1.25
N LYS B 94 33.80 -0.14 2.06
CA LYS B 94 35.16 0.03 1.56
C LYS B 94 35.88 -1.30 1.43
N VAL B 95 35.51 -2.29 2.25
CA VAL B 95 36.09 -3.63 2.13
C VAL B 95 35.55 -4.33 0.89
N LYS B 96 34.27 -4.14 0.61
CA LYS B 96 33.66 -4.68 -0.60
C LYS B 96 34.18 -3.98 -1.86
N GLN B 97 34.49 -2.68 -1.78
CA GLN B 97 34.92 -1.95 -2.98
C GLN B 97 36.32 -2.33 -3.42
N THR B 98 37.23 -2.56 -2.46
CA THR B 98 38.60 -2.91 -2.82
C THR B 98 38.76 -4.40 -3.11
N THR B 99 37.95 -5.26 -2.47
CA THR B 99 37.81 -6.66 -2.90
C THR B 99 37.34 -6.78 -4.35
N PHE B 100 36.43 -5.90 -4.78
CA PHE B 100 35.99 -5.95 -6.15
C PHE B 100 36.93 -5.18 -7.05
N GLY B 101 37.71 -4.25 -6.50
CA GLY B 101 38.79 -3.65 -7.25
C GLY B 101 39.88 -4.65 -7.56
N GLU B 102 40.26 -5.47 -6.57
CA GLU B 102 41.28 -6.48 -6.79
C GLU B 102 40.82 -7.54 -7.78
N LEU B 103 39.57 -7.97 -7.66
CA LEU B 103 39.04 -9.01 -8.55
C LEU B 103 38.88 -8.49 -9.96
N ASP B 104 38.70 -7.18 -10.12
CA ASP B 104 38.61 -6.60 -11.45
C ASP B 104 39.87 -6.82 -12.26
N LYS B 105 41.02 -6.92 -11.59
CA LYS B 105 42.26 -7.20 -12.29
C LYS B 105 42.53 -8.68 -12.41
N ILE B 106 42.03 -9.49 -11.48
CA ILE B 106 42.34 -10.91 -11.55
C ILE B 106 41.47 -11.60 -12.58
N CYS B 107 40.16 -11.42 -12.48
CA CYS B 107 39.22 -12.29 -13.16
C CYS B 107 39.13 -11.94 -14.63
N LYS B 108 39.08 -12.98 -15.47
CA LYS B 108 38.96 -12.78 -16.90
C LYS B 108 37.75 -11.91 -17.19
N PRO B 109 37.77 -11.16 -18.30
CA PRO B 109 36.73 -10.13 -18.51
C PRO B 109 35.32 -10.66 -18.41
N GLU B 110 35.02 -11.85 -18.98
CA GLU B 110 33.68 -12.40 -19.03
C GLU B 110 33.17 -12.89 -17.67
N CYS B 111 34.00 -12.88 -16.64
CA CYS B 111 33.56 -13.24 -15.31
C CYS B 111 32.55 -12.24 -14.76
N ILE B 112 31.45 -12.74 -14.22
CA ILE B 112 30.37 -11.90 -13.69
C ILE B 112 30.57 -11.67 -12.21
N PHE B 113 30.43 -10.42 -11.77
CA PHE B 113 30.62 -10.03 -10.37
C PHE B 113 29.26 -9.88 -9.67
N ALA B 114 29.06 -10.64 -8.60
CA ALA B 114 27.83 -10.60 -7.80
C ALA B 114 28.16 -10.53 -6.30
N SER B 115 27.31 -9.80 -5.57
CA SER B 115 27.42 -9.63 -4.14
C SER B 115 26.12 -10.05 -3.48
N ASN B 116 26.27 -10.74 -2.35
CA ASN B 116 25.17 -11.22 -1.53
C ASN B 116 24.71 -10.17 -0.54
N THR B 117 25.17 -8.93 -0.68
CA THR B 117 24.85 -7.92 0.32
C THR B 117 23.35 -7.73 0.45
N ALA B 118 22.90 -7.50 1.68
CA ALA B 118 21.51 -7.17 1.95
C ALA B 118 21.28 -5.71 2.29
N SER B 119 22.30 -5.00 2.78
CA SER B 119 22.10 -3.67 3.34
C SER B 119 22.90 -2.58 2.67
N LEU B 120 23.87 -2.92 1.83
CA LEU B 120 24.68 -1.97 1.10
C LEU B 120 24.17 -1.83 -0.32
N SER B 121 24.40 -0.66 -0.90
CA SER B 121 23.94 -0.34 -2.24
C SER B 121 24.78 -1.05 -3.28
N ILE B 122 24.14 -1.93 -4.05
CA ILE B 122 24.78 -2.62 -5.18
C ILE B 122 25.45 -1.60 -6.10
N THR B 123 24.76 -0.49 -6.33
CA THR B 123 25.25 0.55 -7.25
C THR B 123 26.55 1.15 -6.76
N GLU B 124 26.64 1.40 -5.45
CA GLU B 124 27.81 2.04 -4.88
C GLU B 124 28.96 1.05 -4.84
N ILE B 125 28.63 -0.19 -4.51
CA ILE B 125 29.60 -1.28 -4.49
C ILE B 125 30.49 -1.23 -5.71
N GLY B 126 29.87 -1.14 -6.89
CA GLY B 126 30.59 -1.34 -8.14
C GLY B 126 30.76 -0.09 -8.95
N LYS B 127 30.81 1.05 -8.26
CA LYS B 127 30.79 2.34 -8.90
C LYS B 127 31.89 2.44 -9.95
N GLY B 128 33.14 2.26 -9.53
CA GLY B 128 34.23 2.56 -10.42
C GLY B 128 34.78 1.41 -11.22
N LEU B 129 34.09 0.28 -11.24
CA LEU B 129 34.64 -0.94 -11.83
C LEU B 129 34.54 -0.93 -13.37
N SER B 130 35.21 -1.89 -13.98
CA SER B 130 35.28 -2.06 -15.42
C SER B 130 34.16 -2.92 -15.99
N ARG B 131 33.41 -3.56 -15.12
CA ARG B 131 32.36 -4.50 -15.48
C ARG B 131 31.17 -4.27 -14.55
N PRO B 132 29.98 -4.66 -14.97
CA PRO B 132 28.80 -4.50 -14.12
C PRO B 132 28.88 -5.30 -12.83
N LEU B 133 28.12 -4.82 -11.85
CA LEU B 133 28.00 -5.43 -10.54
C LEU B 133 26.51 -5.66 -10.27
N VAL B 134 26.14 -6.90 -9.99
CA VAL B 134 24.74 -7.27 -9.77
C VAL B 134 24.61 -7.81 -8.37
N GLY B 135 23.41 -7.68 -7.80
CA GLY B 135 23.11 -8.34 -6.54
C GLY B 135 22.64 -9.75 -6.79
N MET B 136 23.14 -10.69 -5.96
CA MET B 136 22.74 -12.09 -5.95
C MET B 136 22.57 -12.51 -4.50
N HIS B 137 21.40 -12.22 -3.96
CA HIS B 137 21.12 -12.28 -2.54
C HIS B 137 20.43 -13.59 -2.18
N PHE B 138 21.19 -14.54 -1.68
CA PHE B 138 20.69 -15.81 -1.21
C PHE B 138 19.96 -15.66 0.11
N PHE B 139 19.41 -16.76 0.57
CA PHE B 139 18.76 -16.81 1.85
C PHE B 139 19.34 -18.01 2.58
N ASN B 140 19.73 -17.81 3.80
CA ASN B 140 20.40 -18.82 4.61
C ASN B 140 19.37 -19.81 5.17
N PRO B 141 19.60 -21.12 5.04
CA PRO B 141 20.74 -21.75 4.38
C PRO B 141 20.66 -21.66 2.86
N ALA B 142 21.69 -21.09 2.22
CA ALA B 142 21.62 -20.84 0.77
C ALA B 142 21.44 -22.13 -0.01
N ASP B 143 21.99 -23.24 0.49
CA ASP B 143 21.80 -24.49 -0.24
C ASP B 143 20.37 -24.99 -0.17
N ARG B 144 19.58 -24.56 0.83
CA ARG B 144 18.23 -25.10 1.00
C ARG B 144 17.10 -24.14 0.68
N MET B 145 17.28 -22.83 0.83
CA MET B 145 16.21 -21.90 0.47
C MET B 145 16.17 -21.74 -1.03
N LYS B 146 14.97 -21.66 -1.59
CA LYS B 146 14.83 -21.71 -3.03
C LYS B 146 14.84 -20.34 -3.67
N LEU B 147 14.70 -19.29 -2.89
CA LEU B 147 14.61 -17.94 -3.44
C LEU B 147 15.98 -17.34 -3.61
N ILE B 148 16.16 -16.60 -4.70
CA ILE B 148 17.32 -15.76 -4.92
C ILE B 148 16.80 -14.43 -5.42
N GLU B 149 17.03 -13.36 -4.66
CA GLU B 149 16.76 -12.02 -5.16
C GLU B 149 17.94 -11.55 -6.00
N VAL B 150 17.63 -11.15 -7.24
CA VAL B 150 18.59 -10.61 -8.20
C VAL B 150 18.39 -9.09 -8.24
N ILE B 151 19.40 -8.34 -7.81
CA ILE B 151 19.29 -6.90 -7.63
C ILE B 151 19.98 -6.18 -8.78
N ALA B 152 19.18 -5.48 -9.58
CA ALA B 152 19.72 -4.66 -10.63
C ALA B 152 20.17 -3.35 -10.02
N GLY B 153 21.41 -2.98 -10.31
CA GLY B 153 21.92 -1.68 -9.96
C GLY B 153 21.52 -0.66 -10.99
N CYS B 154 21.83 0.59 -10.66
CA CYS B 154 21.47 1.71 -11.50
C CYS B 154 22.18 1.67 -12.85
N ASN B 155 23.27 0.92 -12.96
CA ASN B 155 24.00 0.79 -14.21
C ASN B 155 24.25 -0.66 -14.59
N THR B 156 23.52 -1.60 -14.01
CA THR B 156 23.64 -3.02 -14.31
C THR B 156 22.81 -3.40 -15.54
N PRO B 157 23.45 -3.74 -16.66
CA PRO B 157 22.68 -3.94 -17.89
C PRO B 157 21.68 -5.06 -17.76
N ALA B 158 20.67 -5.00 -18.63
CA ALA B 158 19.65 -6.03 -18.62
C ALA B 158 20.24 -7.39 -18.95
N GLU B 159 21.30 -7.43 -19.77
CA GLU B 159 21.87 -8.73 -20.11
C GLU B 159 22.47 -9.39 -18.88
N THR B 160 23.14 -8.61 -18.01
CA THR B 160 23.71 -9.18 -16.81
C THR B 160 22.63 -9.75 -15.90
N VAL B 161 21.49 -9.06 -15.80
CA VAL B 161 20.42 -9.51 -14.91
C VAL B 161 19.83 -10.84 -15.39
N GLU B 162 19.59 -10.97 -16.70
CA GLU B 162 19.07 -12.21 -17.27
C GLU B 162 19.98 -13.41 -17.03
N LYS B 163 21.28 -13.22 -17.20
CA LYS B 163 22.20 -14.36 -17.10
C LYS B 163 22.27 -14.88 -15.66
N ILE B 164 22.10 -13.99 -14.66
CA ILE B 164 22.03 -14.38 -13.25
C ILE B 164 20.71 -15.06 -12.93
N LYS B 165 19.61 -14.62 -13.58
CA LYS B 165 18.36 -15.39 -13.57
C LYS B 165 18.57 -16.81 -14.08
N GLU B 166 19.23 -16.95 -15.23
CA GLU B 166 19.42 -18.27 -15.81
C GLU B 166 20.32 -19.14 -14.94
N ILE B 167 21.32 -18.54 -14.29
CA ILE B 167 22.15 -19.31 -13.39
C ILE B 167 21.34 -19.77 -12.18
N SER B 168 20.52 -18.88 -11.60
CA SER B 168 19.71 -19.25 -10.42
C SER B 168 18.83 -20.44 -10.70
N VAL B 169 18.19 -20.48 -11.87
CA VAL B 169 17.40 -21.67 -12.17
C VAL B 169 18.32 -22.84 -12.47
N ALA B 170 19.49 -22.60 -13.07
CA ALA B 170 20.39 -23.71 -13.39
C ALA B 170 20.94 -24.38 -12.14
N ILE B 171 20.94 -23.69 -11.00
CA ILE B 171 21.23 -24.34 -9.72
C ILE B 171 19.97 -24.60 -8.93
N GLY B 172 18.81 -24.45 -9.55
CA GLY B 172 17.58 -24.88 -8.91
C GLY B 172 16.94 -23.87 -7.97
N LYS B 173 17.07 -22.60 -8.27
CA LYS B 173 16.44 -21.56 -7.48
C LYS B 173 15.43 -20.83 -8.33
N ASN B 174 14.67 -19.98 -7.67
CA ASN B 174 13.65 -19.18 -8.35
C ASN B 174 14.09 -17.73 -8.27
N PRO B 175 14.59 -17.12 -9.35
CA PRO B 175 14.98 -15.72 -9.26
C PRO B 175 13.80 -14.75 -9.32
N VAL B 176 13.87 -13.74 -8.47
CA VAL B 176 12.93 -12.64 -8.39
C VAL B 176 13.73 -11.37 -8.63
N GLN B 177 13.54 -10.74 -9.79
CA GLN B 177 14.29 -9.55 -10.14
C GLN B 177 13.88 -8.38 -9.25
N VAL B 178 14.87 -7.67 -8.72
CA VAL B 178 14.64 -6.54 -7.84
C VAL B 178 15.45 -5.39 -8.40
N ASN B 179 14.84 -4.22 -8.50
CA ASN B 179 15.57 -3.01 -8.85
C ASN B 179 15.94 -2.33 -7.56
N GLU B 180 17.23 -2.05 -7.40
CA GLU B 180 17.77 -1.76 -6.08
C GLU B 180 16.96 -0.73 -5.32
N ALA B 181 16.44 -1.12 -4.18
CA ALA B 181 16.02 -0.17 -3.18
C ALA B 181 16.28 -0.78 -1.82
N ALA B 182 16.19 0.03 -0.78
CA ALA B 182 16.54 -0.45 0.54
C ALA B 182 15.61 -1.56 0.99
N GLY B 183 16.20 -2.72 1.31
CA GLY B 183 15.47 -3.84 1.85
C GLY B 183 15.08 -4.88 0.85
N PHE B 184 15.22 -4.57 -0.43
CA PHE B 184 14.86 -5.43 -1.57
C PHE B 184 13.35 -5.68 -1.46
N VAL B 185 12.88 -6.92 -1.49
CA VAL B 185 11.47 -7.25 -1.23
C VAL B 185 11.31 -7.87 0.16
N VAL B 186 11.96 -9.01 0.42
CA VAL B 186 11.69 -9.79 1.63
C VAL B 186 11.97 -8.99 2.89
N ASN B 187 13.14 -8.35 2.97
CA ASN B 187 13.50 -7.61 4.18
C ASN B 187 12.63 -6.38 4.37
N ARG B 188 12.19 -5.75 3.29
CA ARG B 188 11.38 -4.55 3.40
C ARG B 188 9.97 -4.88 3.89
N ILE B 189 9.46 -6.06 3.59
CA ILE B 189 8.19 -6.50 4.17
C ILE B 189 8.40 -7.14 5.54
N LEU B 190 9.40 -8.03 5.65
CA LEU B 190 9.46 -8.94 6.80
C LEU B 190 10.00 -8.30 8.07
N ILE B 191 10.96 -7.37 7.98
CA ILE B 191 11.54 -6.79 9.21
C ILE B 191 10.63 -5.72 9.83
N PRO B 192 9.97 -4.86 9.06
CA PRO B 192 8.98 -3.97 9.68
C PRO B 192 7.88 -4.75 10.41
N MET B 193 7.55 -5.96 9.92
CA MET B 193 6.65 -6.89 10.60
C MET B 193 7.07 -7.16 12.03
N ILE B 194 8.31 -7.63 12.19
CA ILE B 194 8.89 -7.88 13.50
C ILE B 194 8.84 -6.63 14.35
N ASN B 195 9.22 -5.50 13.74
CA ASN B 195 9.25 -4.22 14.41
C ASN B 195 7.87 -3.86 14.96
N GLU B 196 6.81 -4.18 14.21
CA GLU B 196 5.44 -3.80 14.59
C GLU B 196 4.97 -4.64 15.77
N ALA B 197 5.27 -5.94 15.74
CA ALA B 197 4.92 -6.81 16.87
C ALA B 197 5.59 -6.33 18.15
N ALA B 198 6.78 -5.73 18.02
CA ALA B 198 7.49 -5.20 19.18
C ALA B 198 6.83 -3.94 19.70
N PHE B 199 6.43 -3.03 18.80
CA PHE B 199 5.63 -1.87 19.22
C PHE B 199 4.35 -2.31 19.91
N ILE B 200 3.69 -3.36 19.39
CA ILE B 200 2.49 -3.89 20.04
C ILE B 200 2.82 -4.36 21.45
N LYS B 201 3.97 -5.02 21.61
CA LYS B 201 4.43 -5.39 22.95
C LYS B 201 4.74 -4.14 23.77
N MET B 202 5.48 -3.21 23.19
CA MET B 202 5.87 -2.01 23.93
C MET B 202 4.65 -1.28 24.44
N GLU B 203 3.64 -1.12 23.60
CA GLU B 203 2.50 -0.30 23.94
C GLU B 203 1.46 -1.01 24.80
N GLY B 204 1.70 -2.24 25.24
CA GLY B 204 0.79 -2.90 26.17
C GLY B 204 -0.46 -3.49 25.56
N VAL B 205 -0.44 -3.76 24.26
CA VAL B 205 -1.62 -4.26 23.56
C VAL B 205 -1.80 -5.74 23.87
N SER B 206 -0.75 -6.51 23.69
CA SER B 206 -0.77 -7.93 23.97
C SER B 206 0.57 -8.32 24.59
N ASP B 207 0.72 -9.61 24.91
CA ASP B 207 1.91 -10.19 25.50
C ASP B 207 2.69 -10.98 24.44
N ILE B 208 3.94 -11.28 24.76
CA ILE B 208 4.87 -11.80 23.75
C ILE B 208 4.35 -13.11 23.19
N ALA B 209 4.06 -14.07 24.05
CA ALA B 209 3.45 -15.31 23.58
C ALA B 209 2.19 -15.03 22.76
N GLY B 210 1.34 -14.11 23.24
CA GLY B 210 0.09 -13.82 22.54
C GLY B 210 0.29 -13.21 21.16
N ILE B 211 1.20 -12.23 21.04
CA ILE B 211 1.50 -11.69 19.71
C ILE B 211 1.93 -12.81 18.78
N ASP B 212 2.74 -13.74 19.27
CA ASP B 212 3.26 -14.79 18.39
C ASP B 212 2.18 -15.84 18.07
N THR B 213 1.38 -16.26 19.06
CA THR B 213 0.32 -17.22 18.79
C THR B 213 -0.70 -16.63 17.82
N ALA B 214 -1.03 -15.35 17.95
CA ALA B 214 -2.03 -14.70 17.09
C ALA B 214 -1.65 -14.69 15.62
N MET B 215 -0.36 -14.53 15.32
CA MET B 215 0.10 -14.47 13.94
C MET B 215 0.19 -15.84 13.30
N LYS B 216 0.43 -16.89 14.08
CA LYS B 216 0.47 -18.21 13.48
C LYS B 216 -0.92 -18.82 13.35
N LEU B 217 -1.78 -18.65 14.36
CA LEU B 217 -3.16 -19.14 14.27
C LEU B 217 -4.14 -18.16 13.64
N GLY B 218 -3.74 -16.91 13.40
CA GLY B 218 -4.61 -15.96 12.73
C GLY B 218 -4.25 -15.65 11.28
N ALA B 219 -2.99 -15.87 10.90
CA ALA B 219 -2.50 -15.52 9.58
C ALA B 219 -1.81 -16.67 8.87
N ASN B 220 -1.71 -17.83 9.52
CA ASN B 220 -1.15 -19.05 8.96
C ASN B 220 0.36 -18.95 8.74
N HIS B 221 1.02 -18.19 9.60
CA HIS B 221 2.47 -18.01 9.56
C HIS B 221 3.17 -19.12 10.33
N PRO B 222 4.26 -19.59 9.76
CA PRO B 222 4.99 -20.69 10.40
C PRO B 222 5.62 -20.28 11.73
N MET B 223 6.15 -19.07 11.83
CA MET B 223 6.61 -18.55 13.12
C MET B 223 5.92 -17.24 13.44
N GLY B 224 5.74 -17.00 14.73
CA GLY B 224 5.36 -15.70 15.22
C GLY B 224 6.44 -14.72 14.87
N PRO B 225 6.08 -13.43 14.82
CA PRO B 225 7.11 -12.42 14.52
C PRO B 225 8.07 -12.20 15.68
N LEU B 226 7.68 -12.47 16.91
CA LEU B 226 8.66 -12.26 17.96
C LEU B 226 9.62 -13.43 18.07
N GLU B 227 9.15 -14.67 17.88
CA GLU B 227 10.06 -15.80 17.77
C GLU B 227 11.04 -15.61 16.62
N LEU B 228 10.56 -15.05 15.50
CA LEU B 228 11.35 -14.95 14.27
C LEU B 228 12.45 -13.90 14.40
N GLY B 229 12.13 -12.75 15.00
CA GLY B 229 13.17 -11.76 15.28
C GLY B 229 14.23 -12.29 16.23
N ASP B 230 13.82 -13.17 17.15
CA ASP B 230 14.76 -13.94 17.96
C ASP B 230 15.57 -14.90 17.10
N PHE B 231 14.97 -15.50 16.09
CA PHE B 231 15.72 -16.46 15.31
C PHE B 231 16.63 -15.77 14.30
N ILE B 232 16.17 -14.66 13.72
CA ILE B 232 17.00 -13.88 12.81
C ILE B 232 18.12 -13.17 13.58
N GLY B 233 17.88 -12.83 14.83
CA GLY B 233 18.77 -11.97 15.56
C GLY B 233 18.22 -10.58 15.64
N LEU B 234 17.91 -10.11 16.84
CA LEU B 234 17.43 -8.74 16.99
C LEU B 234 18.45 -7.70 16.53
N ASP B 235 19.74 -8.04 16.51
CA ASP B 235 20.71 -7.09 16.00
C ASP B 235 20.58 -6.94 14.50
N ILE B 236 20.33 -8.05 13.80
CA ILE B 236 20.06 -8.00 12.37
C ILE B 236 18.78 -7.21 12.08
N CYS B 237 17.78 -7.32 12.97
CA CYS B 237 16.50 -6.67 12.77
C CYS B 237 16.60 -5.18 13.05
N LEU B 238 17.26 -4.82 14.15
CA LEU B 238 17.53 -3.41 14.42
C LEU B 238 18.29 -2.76 13.27
N ALA B 239 19.28 -3.44 12.71
CA ALA B 239 20.14 -2.83 11.71
C ALA B 239 19.41 -2.63 10.39
N ILE B 240 18.53 -3.57 10.03
CA ILE B 240 17.75 -3.44 8.80
C ILE B 240 16.74 -2.30 8.93
N MET B 241 15.98 -2.25 10.03
CA MET B 241 15.18 -1.06 10.39
C MET B 241 15.92 0.25 10.22
N ASP B 242 17.11 0.38 10.81
CA ASP B 242 17.88 1.61 10.69
C ASP B 242 18.37 1.85 9.26
N VAL B 243 18.57 0.80 8.46
CA VAL B 243 18.88 1.02 7.05
C VAL B 243 17.67 1.60 6.32
N LEU B 244 16.52 0.92 6.44
CA LEU B 244 15.27 1.39 5.86
C LEU B 244 15.00 2.84 6.23
N TYR B 245 15.13 3.15 7.52
CA TYR B 245 14.91 4.51 7.98
C TYR B 245 15.86 5.49 7.30
N HIS B 246 17.16 5.16 7.29
CA HIS B 246 18.16 6.11 6.81
C HIS B 246 18.17 6.23 5.30
N GLU B 247 17.81 5.16 4.59
CA GLU B 247 17.77 5.20 3.13
C GLU B 247 16.54 5.90 2.60
N THR B 248 15.45 5.90 3.37
CA THR B 248 14.20 6.52 2.97
C THR B 248 13.99 7.90 3.55
N GLY B 249 14.37 8.14 4.80
CA GLY B 249 14.08 9.41 5.43
C GLY B 249 12.74 9.45 6.09
N ASP B 250 12.04 8.33 6.14
CA ASP B 250 10.62 8.24 6.43
C ASP B 250 10.46 7.64 7.83
N SER B 251 9.84 8.40 8.72
CA SER B 251 9.56 7.96 10.07
C SER B 251 8.83 6.64 10.11
N LYS B 252 8.17 6.24 9.02
CA LYS B 252 7.46 4.98 9.01
C LYS B 252 8.34 3.83 9.49
N TYR B 253 9.61 3.83 9.08
CA TYR B 253 10.54 2.75 9.36
C TYR B 253 11.40 2.99 10.58
N ARG B 254 10.97 3.88 11.48
CA ARG B 254 11.65 4.04 12.74
C ARG B 254 11.60 2.73 13.55
N ALA B 255 12.76 2.27 13.98
CA ALA B 255 12.78 1.06 14.78
C ALA B 255 12.09 1.30 16.11
N CYS B 256 11.52 0.25 16.64
CA CYS B 256 10.89 0.27 17.94
C CYS B 256 11.93 0.40 19.05
N PRO B 257 11.86 1.43 19.89
CA PRO B 257 12.85 1.58 20.97
C PRO B 257 13.02 0.36 21.85
N LEU B 258 11.99 -0.48 22.00
CA LEU B 258 12.12 -1.71 22.77
C LEU B 258 13.23 -2.59 22.18
N ILE B 259 13.24 -2.78 20.86
CA ILE B 259 14.28 -3.59 20.23
C ILE B 259 15.66 -2.95 20.42
N ARG B 260 15.74 -1.63 20.36
CA ARG B 260 17.01 -0.95 20.59
C ARG B 260 17.51 -1.14 22.02
N LYS B 261 16.61 -1.20 23.01
CA LYS B 261 17.03 -1.42 24.39
C LYS B 261 17.52 -2.84 24.60
N MET B 262 16.87 -3.80 23.95
CA MET B 262 17.29 -5.19 24.12
C MET B 262 18.61 -5.45 23.43
N VAL B 263 18.85 -4.80 22.29
CA VAL B 263 20.15 -5.00 21.66
C VAL B 263 21.26 -4.38 22.50
N ARG B 264 20.99 -3.26 23.18
CA ARG B 264 22.02 -2.65 24.00
C ARG B 264 22.37 -3.51 25.21
N GLY B 265 21.45 -4.35 25.66
CA GLY B 265 21.71 -5.24 26.75
C GLY B 265 22.21 -6.63 26.39
N GLY B 266 22.52 -6.89 25.13
CA GLY B 266 22.95 -8.22 24.71
C GLY B 266 21.86 -9.26 24.53
N ASN B 267 20.59 -8.88 24.60
CA ASN B 267 19.46 -9.79 24.44
C ASN B 267 19.06 -9.80 22.96
N LEU B 268 19.74 -10.63 22.19
CA LEU B 268 19.64 -10.63 20.75
C LEU B 268 18.80 -11.76 20.20
N GLY B 269 18.40 -12.72 21.02
CA GLY B 269 17.65 -13.87 20.57
C GLY B 269 18.41 -15.17 20.80
N CYS B 270 18.27 -16.09 19.84
CA CYS B 270 18.82 -17.43 20.01
C CYS B 270 20.33 -17.41 20.17
N LYS B 271 21.02 -16.56 19.41
CA LYS B 271 22.48 -16.55 19.41
C LYS B 271 23.08 -16.18 20.77
N THR B 272 22.34 -15.46 21.62
CA THR B 272 22.77 -15.18 22.99
C THR B 272 21.92 -15.86 24.03
N GLY B 273 20.90 -16.59 23.62
CA GLY B 273 20.10 -17.36 24.55
C GLY B 273 19.03 -16.58 25.27
N LYS B 274 18.86 -15.30 24.96
CA LYS B 274 17.74 -14.56 25.49
C LYS B 274 17.44 -13.41 24.54
N GLY B 275 16.15 -13.23 24.24
CA GLY B 275 15.64 -12.08 23.53
C GLY B 275 14.23 -11.80 24.01
N PHE B 276 13.26 -11.92 23.11
CA PHE B 276 11.87 -11.97 23.58
C PHE B 276 11.59 -13.30 24.27
N TYR B 277 12.35 -14.35 23.98
CA TYR B 277 12.22 -15.63 24.65
C TYR B 277 13.52 -15.99 25.35
N VAL B 278 13.37 -16.62 26.51
CA VAL B 278 14.45 -17.33 27.20
C VAL B 278 14.53 -18.74 26.63
N TYR B 279 15.73 -19.17 26.20
CA TYR B 279 15.89 -20.50 25.61
C TYR B 279 16.62 -21.41 26.59
N ASN B 280 15.87 -22.32 27.23
CA ASN B 280 16.37 -23.07 28.37
C ASN B 280 17.17 -24.30 27.95
N ALA B 281 17.68 -25.04 28.94
CA ALA B 281 18.61 -26.12 28.65
C ALA B 281 17.88 -27.32 28.04
N ASP B 282 16.61 -27.52 28.38
CA ASP B 282 15.82 -28.46 27.61
C ASP B 282 15.56 -27.86 26.23
N ARG B 283 14.40 -28.13 25.65
CA ARG B 283 14.07 -27.49 24.37
C ARG B 283 13.04 -26.39 24.49
N THR B 284 12.42 -26.21 25.66
CA THR B 284 11.39 -25.18 25.75
C THR B 284 12.01 -23.79 25.62
N LYS B 285 11.19 -22.84 25.19
CA LYS B 285 11.52 -21.43 25.25
C LYS B 285 10.46 -20.71 26.06
N THR B 286 10.87 -19.72 26.84
CA THR B 286 9.99 -19.07 27.77
C THR B 286 9.91 -17.58 27.45
N PRO B 287 8.71 -17.01 27.29
CA PRO B 287 8.61 -15.57 27.03
C PRO B 287 9.04 -14.76 28.24
N VAL B 288 9.86 -13.74 27.98
CA VAL B 288 10.34 -12.88 29.06
C VAL B 288 9.21 -12.09 29.70
N ASP B 289 8.10 -11.87 28.98
CA ASP B 289 6.81 -11.44 29.54
C ASP B 289 6.50 -11.98 30.92
N MET C 2 -16.63 21.17 -34.48
CA MET C 2 -17.05 20.32 -33.39
C MET C 2 -17.78 21.20 -32.42
N LYS C 3 -18.74 20.62 -31.70
CA LYS C 3 -19.44 21.30 -30.63
C LYS C 3 -18.83 20.89 -29.31
N ILE C 4 -18.75 21.84 -28.39
CA ILE C 4 -17.99 21.68 -27.16
C ILE C 4 -18.78 22.38 -26.07
N GLY C 5 -19.00 21.70 -24.96
CA GLY C 5 -19.61 22.36 -23.81
C GLY C 5 -18.69 22.47 -22.61
N VAL C 6 -18.50 23.68 -22.08
CA VAL C 6 -17.65 23.94 -20.91
C VAL C 6 -18.56 24.11 -19.70
N ILE C 7 -18.27 23.40 -18.62
CA ILE C 7 -19.08 23.46 -17.40
C ILE C 7 -18.30 24.28 -16.37
N GLY C 8 -18.83 25.46 -16.03
CA GLY C 8 -18.17 26.44 -15.20
C GLY C 8 -17.82 27.68 -16.00
N ALA C 9 -18.06 28.87 -15.45
CA ALA C 9 -17.84 30.09 -16.20
C ALA C 9 -16.84 31.03 -15.54
N GLY C 10 -15.97 30.51 -14.67
CA GLY C 10 -14.94 31.29 -14.02
C GLY C 10 -13.71 31.43 -14.88
N THR C 11 -12.59 31.77 -14.23
CA THR C 11 -11.35 31.96 -14.98
C THR C 11 -11.09 30.78 -15.89
N MET C 12 -11.11 29.57 -15.33
CA MET C 12 -10.78 28.41 -16.15
C MET C 12 -11.86 28.08 -17.14
N GLY C 13 -13.12 28.15 -16.70
CA GLY C 13 -14.20 27.95 -17.64
C GLY C 13 -14.11 28.91 -18.81
N GLN C 14 -13.90 30.18 -18.51
CA GLN C 14 -13.78 31.17 -19.58
C GLN C 14 -12.57 30.87 -20.46
N GLY C 15 -11.45 30.49 -19.86
CA GLY C 15 -10.25 30.31 -20.66
C GLY C 15 -10.31 29.06 -21.52
N ILE C 16 -10.90 27.99 -21.00
CA ILE C 16 -11.08 26.77 -21.77
C ILE C 16 -12.01 27.01 -22.97
N ALA C 17 -13.02 27.87 -22.77
CA ALA C 17 -13.91 28.27 -23.86
C ALA C 17 -13.16 29.04 -24.94
N LYS C 18 -12.36 30.02 -24.52
CA LYS C 18 -11.47 30.74 -25.44
C LYS C 18 -10.57 29.78 -26.22
N ALA C 19 -10.02 28.80 -25.53
CA ALA C 19 -9.05 27.89 -26.15
C ALA C 19 -9.67 27.10 -27.29
N PHE C 20 -10.95 26.75 -27.18
CA PHE C 20 -11.63 26.01 -28.24
C PHE C 20 -12.15 26.93 -29.32
N ALA C 21 -12.67 28.08 -28.94
CA ALA C 21 -13.33 28.93 -29.91
C ALA C 21 -12.33 29.69 -30.79
N GLN C 22 -11.10 29.88 -30.30
CA GLN C 22 -10.11 30.59 -31.08
C GLN C 22 -9.59 29.75 -32.25
N VAL C 23 -9.81 28.45 -32.25
CA VAL C 23 -9.49 27.59 -33.39
C VAL C 23 -10.67 27.56 -34.35
N GLU C 24 -10.41 27.94 -35.60
CA GLU C 24 -11.48 28.07 -36.57
C GLU C 24 -12.21 26.75 -36.74
N GLY C 25 -13.51 26.78 -36.48
CA GLY C 25 -14.37 25.64 -36.73
C GLY C 25 -15.08 25.10 -35.52
N ASN C 26 -14.70 25.53 -34.32
CA ASN C 26 -15.25 24.96 -33.09
C ASN C 26 -16.35 25.88 -32.56
N THR C 27 -17.32 25.27 -31.88
CA THR C 27 -18.34 26.05 -31.19
C THR C 27 -18.44 25.55 -29.77
N VAL C 28 -18.65 26.48 -28.84
CA VAL C 28 -18.60 26.21 -27.41
C VAL C 28 -19.90 26.68 -26.78
N ALA C 29 -20.38 25.90 -25.80
CA ALA C 29 -21.49 26.28 -24.93
C ALA C 29 -20.94 26.57 -23.52
N LEU C 30 -21.12 27.79 -23.05
CA LEU C 30 -20.62 28.18 -21.73
C LEU C 30 -21.74 28.15 -20.71
N CYS C 31 -21.42 27.68 -19.51
CA CYS C 31 -22.43 27.33 -18.50
C CYS C 31 -21.90 27.71 -17.11
N ASP C 32 -22.83 27.80 -16.16
CA ASP C 32 -22.56 28.07 -14.74
C ASP C 32 -23.86 27.86 -13.96
N ILE C 33 -23.80 28.08 -12.65
CA ILE C 33 -24.98 27.96 -11.77
C ILE C 33 -25.99 29.07 -12.08
N LYS C 34 -25.76 30.25 -11.51
CA LYS C 34 -26.55 31.42 -11.86
C LYS C 34 -26.25 31.82 -13.30
N GLN C 35 -27.31 31.92 -14.13
CA GLN C 35 -27.14 32.37 -15.51
C GLN C 35 -26.48 33.75 -15.59
N GLU C 36 -26.86 34.65 -14.70
CA GLU C 36 -26.22 35.96 -14.64
C GLU C 36 -24.71 35.83 -14.44
N TRP C 37 -24.26 34.74 -13.80
CA TRP C 37 -22.84 34.41 -13.73
C TRP C 37 -22.33 33.80 -15.03
N ALA C 38 -23.18 33.08 -15.77
CA ALA C 38 -22.78 32.47 -17.04
C ALA C 38 -22.85 33.45 -18.22
N GLU C 39 -23.53 34.57 -18.04
CA GLU C 39 -23.35 35.71 -18.93
C GLU C 39 -22.27 36.65 -18.42
N ASN C 40 -22.13 36.77 -17.10
CA ASN C 40 -20.95 37.42 -16.57
C ASN C 40 -19.67 36.78 -17.07
N GLY C 41 -19.72 35.48 -17.33
CA GLY C 41 -18.60 34.81 -17.98
C GLY C 41 -18.35 35.39 -19.34
N LEU C 42 -19.34 35.29 -20.23
CA LEU C 42 -19.16 35.78 -21.59
C LEU C 42 -18.93 37.28 -21.63
N ALA C 43 -19.26 37.98 -20.54
CA ALA C 43 -18.96 39.41 -20.44
C ALA C 43 -17.47 39.65 -20.24
N LYS C 44 -16.84 38.89 -19.34
CA LYS C 44 -15.40 39.01 -19.12
C LYS C 44 -14.60 38.57 -20.34
N ILE C 45 -15.23 37.85 -21.28
CA ILE C 45 -14.57 37.39 -22.50
C ILE C 45 -14.56 38.48 -23.56
N LYS C 46 -15.64 39.24 -23.68
CA LYS C 46 -15.62 40.34 -24.63
C LYS C 46 -14.79 41.51 -24.11
N LYS C 47 -14.84 41.76 -22.79
CA LYS C 47 -14.07 42.82 -22.17
C LYS C 47 -12.57 42.64 -22.38
N GLY C 48 -12.07 41.41 -22.21
CA GLY C 48 -10.66 41.16 -22.44
C GLY C 48 -10.28 41.21 -23.90
N TYR C 49 -11.13 40.69 -24.79
CA TYR C 49 -10.83 40.80 -26.21
C TYR C 49 -10.85 42.24 -26.68
N GLU C 50 -11.62 43.09 -26.03
CA GLU C 50 -11.58 44.50 -26.37
C GLU C 50 -10.24 45.14 -26.01
N LYS C 51 -9.72 44.85 -24.80
CA LYS C 51 -8.45 45.44 -24.40
C LYS C 51 -7.29 44.96 -25.25
N LEU C 52 -7.38 43.78 -25.85
CA LEU C 52 -6.31 43.32 -26.73
C LEU C 52 -6.42 43.91 -28.12
N VAL C 53 -7.63 43.97 -28.68
CA VAL C 53 -7.78 44.62 -29.97
C VAL C 53 -7.32 46.06 -29.89
N ALA C 54 -7.66 46.75 -28.79
CA ALA C 54 -7.14 48.08 -28.54
C ALA C 54 -5.62 48.08 -28.56
N LYS C 55 -5.00 47.21 -27.77
CA LYS C 55 -3.54 47.06 -27.78
C LYS C 55 -3.02 46.45 -29.08
N GLY C 56 -3.81 46.33 -30.15
CA GLY C 56 -3.32 45.84 -31.42
C GLY C 56 -2.95 44.37 -31.45
N LYS C 57 -3.19 43.61 -30.38
CA LYS C 57 -2.74 42.22 -30.40
C LYS C 57 -3.69 41.33 -31.20
N ILE C 58 -4.95 41.71 -31.31
CA ILE C 58 -5.97 40.92 -32.02
C ILE C 58 -6.66 41.80 -33.07
N PRO C 59 -7.05 41.29 -34.25
CA PRO C 59 -7.92 42.05 -35.13
C PRO C 59 -9.38 41.93 -34.71
N GLN C 60 -10.07 43.07 -34.69
CA GLN C 60 -11.46 43.11 -34.22
C GLN C 60 -12.32 42.02 -34.84
N GLU C 61 -12.04 41.68 -36.09
CA GLU C 61 -12.84 40.69 -36.78
C GLU C 61 -12.59 39.29 -36.24
N LYS C 62 -11.36 39.03 -35.77
CA LYS C 62 -11.08 37.75 -35.14
C LYS C 62 -11.64 37.70 -33.72
N ALA C 63 -11.51 38.80 -32.98
CA ALA C 63 -12.16 38.89 -31.68
C ALA C 63 -13.66 38.67 -31.82
N ASP C 64 -14.26 39.17 -32.92
CA ASP C 64 -15.70 39.05 -33.13
C ASP C 64 -16.10 37.68 -33.65
N ALA C 65 -15.20 36.98 -34.33
CA ALA C 65 -15.44 35.62 -34.80
C ALA C 65 -15.42 34.58 -33.68
N ILE C 66 -14.75 34.86 -32.56
CA ILE C 66 -14.69 33.82 -31.55
C ILE C 66 -15.74 34.06 -30.47
N VAL C 67 -16.05 35.32 -30.15
CA VAL C 67 -17.11 35.57 -29.17
C VAL C 67 -18.48 35.27 -29.75
N ALA C 68 -18.55 35.01 -31.05
CA ALA C 68 -19.78 34.54 -31.68
C ALA C 68 -19.88 33.01 -31.71
N ALA C 69 -18.81 32.30 -31.38
CA ALA C 69 -18.82 30.85 -31.26
C ALA C 69 -19.12 30.36 -29.84
N ILE C 70 -19.27 31.27 -28.87
CA ILE C 70 -19.52 30.93 -27.47
C ILE C 70 -20.98 31.31 -27.15
N THR C 71 -21.75 30.34 -26.67
CA THR C 71 -23.18 30.51 -26.35
C THR C 71 -23.46 30.19 -24.88
N PRO C 72 -23.94 31.14 -24.08
CA PRO C 72 -24.22 30.83 -22.67
C PRO C 72 -25.52 30.06 -22.54
N GLY C 73 -25.47 28.89 -21.88
CA GLY C 73 -26.62 28.01 -21.87
C GLY C 73 -27.03 27.45 -20.52
N LEU C 78 -28.39 23.59 -24.88
CA LEU C 78 -27.15 23.79 -25.63
C LEU C 78 -26.23 22.59 -25.47
N CYS C 79 -26.14 22.09 -24.23
CA CYS C 79 -25.27 20.95 -23.97
C CYS C 79 -25.78 19.65 -24.59
N ALA C 80 -26.98 19.67 -25.15
CA ALA C 80 -27.62 18.43 -25.58
C ALA C 80 -26.90 17.81 -26.76
N ASP C 81 -26.13 18.59 -27.52
CA ASP C 81 -25.58 18.15 -28.80
C ASP C 81 -24.04 18.21 -28.88
N CYS C 82 -23.37 18.49 -27.78
CA CYS C 82 -21.92 18.58 -27.87
C CYS C 82 -21.29 17.24 -28.16
N ASP C 83 -20.14 17.27 -28.81
CA ASP C 83 -19.32 16.09 -29.00
C ASP C 83 -18.32 15.88 -27.87
N LEU C 84 -18.14 16.89 -27.01
CA LEU C 84 -17.17 16.83 -25.94
C LEU C 84 -17.60 17.80 -24.85
N ILE C 85 -17.54 17.35 -23.60
CA ILE C 85 -17.86 18.14 -22.41
C ILE C 85 -16.57 18.33 -21.61
N VAL C 86 -16.25 19.57 -21.23
CA VAL C 86 -15.17 19.85 -20.27
C VAL C 86 -15.80 20.59 -19.09
N GLU C 87 -15.81 19.95 -17.94
CA GLU C 87 -16.23 20.61 -16.71
C GLU C 87 -15.03 21.30 -16.07
N ALA C 88 -15.23 22.56 -15.73
CA ALA C 88 -14.31 23.31 -14.92
C ALA C 88 -15.08 23.91 -13.76
N ALA C 89 -15.77 23.04 -13.04
CA ALA C 89 -16.60 23.41 -11.91
C ALA C 89 -15.73 23.45 -10.65
N PHE C 90 -16.36 23.65 -9.50
CA PHE C 90 -15.65 23.74 -8.22
C PHE C 90 -15.00 22.40 -7.90
N GLU C 91 -13.87 22.43 -7.20
CA GLU C 91 -13.03 21.25 -7.01
C GLU C 91 -13.46 20.47 -5.75
N ASP C 92 -14.75 20.09 -5.74
CA ASP C 92 -15.36 19.29 -4.68
C ASP C 92 -15.98 18.05 -5.31
N MET C 93 -15.71 16.89 -4.73
CA MET C 93 -15.96 15.63 -5.45
C MET C 93 -17.44 15.42 -5.71
N LYS C 94 -18.26 15.47 -4.66
CA LYS C 94 -19.70 15.33 -4.88
C LYS C 94 -20.24 16.43 -5.78
N VAL C 95 -19.58 17.59 -5.80
CA VAL C 95 -19.93 18.65 -6.75
C VAL C 95 -19.76 18.17 -8.19
N LYS C 96 -18.68 17.42 -8.45
CA LYS C 96 -18.40 16.90 -9.80
C LYS C 96 -19.22 15.65 -10.14
N GLN C 97 -19.40 14.72 -9.20
CA GLN C 97 -20.27 13.57 -9.47
C GLN C 97 -21.68 14.01 -9.84
N THR C 98 -22.26 14.93 -9.05
CA THR C 98 -23.63 15.39 -9.25
C THR C 98 -23.81 16.06 -10.62
N THR C 99 -23.02 17.10 -10.89
CA THR C 99 -22.96 17.67 -12.23
C THR C 99 -22.88 16.58 -13.30
N PHE C 100 -21.79 15.81 -13.34
CA PHE C 100 -21.65 14.71 -14.30
C PHE C 100 -22.84 13.74 -14.22
N GLY C 101 -23.27 13.42 -13.01
CA GLY C 101 -24.54 12.75 -12.81
C GLY C 101 -25.66 13.47 -13.52
N GLU C 102 -25.89 14.74 -13.19
CA GLU C 102 -26.94 15.46 -13.92
C GLU C 102 -26.67 15.54 -15.42
N LEU C 103 -25.48 15.13 -15.88
CA LEU C 103 -25.04 15.40 -17.24
C LEU C 103 -25.05 14.19 -18.18
N ASP C 104 -25.01 12.97 -17.65
CA ASP C 104 -25.12 11.77 -18.49
C ASP C 104 -26.47 11.66 -19.17
N LYS C 105 -27.53 12.14 -18.51
CA LYS C 105 -28.79 12.36 -19.23
C LYS C 105 -28.61 13.38 -20.34
N ILE C 106 -28.17 14.60 -19.98
CA ILE C 106 -28.41 15.74 -20.84
C ILE C 106 -27.67 15.62 -22.16
N CYS C 107 -26.46 15.09 -22.16
CA CYS C 107 -25.73 15.11 -23.41
C CYS C 107 -26.11 13.91 -24.26
N LYS C 108 -25.94 14.08 -25.56
CA LYS C 108 -26.02 13.03 -26.55
C LYS C 108 -25.34 11.79 -26.03
N PRO C 109 -25.81 10.62 -26.42
CA PRO C 109 -25.22 9.38 -25.90
C PRO C 109 -23.73 9.29 -26.16
N GLU C 110 -23.31 9.49 -27.41
CA GLU C 110 -21.90 9.36 -27.75
C GLU C 110 -21.35 10.77 -27.84
N CYS C 111 -20.90 11.28 -26.70
CA CYS C 111 -20.16 12.52 -26.57
C CYS C 111 -19.16 12.26 -25.45
N ILE C 112 -17.97 12.85 -25.56
CA ILE C 112 -16.89 12.53 -24.62
C ILE C 112 -16.98 13.42 -23.39
N PHE C 113 -16.86 12.80 -22.22
CA PHE C 113 -16.90 13.48 -20.93
C PHE C 113 -15.44 13.65 -20.46
N ALA C 114 -15.06 14.90 -20.14
CA ALA C 114 -13.72 15.25 -19.67
C ALA C 114 -13.80 16.26 -18.53
N SER C 115 -13.00 16.06 -17.48
CA SER C 115 -12.97 16.96 -16.34
C SER C 115 -11.64 17.73 -16.31
N ASN C 116 -11.69 19.01 -15.97
CA ASN C 116 -10.49 19.83 -15.82
C ASN C 116 -10.04 19.89 -14.37
N THR C 117 -10.41 18.90 -13.57
CA THR C 117 -10.04 18.86 -12.17
C THR C 117 -8.52 18.98 -12.00
N ALA C 118 -8.13 19.54 -10.85
CA ALA C 118 -6.74 19.86 -10.59
C ALA C 118 -5.98 18.66 -10.00
N SER C 119 -6.60 17.92 -9.07
CA SER C 119 -5.92 16.78 -8.45
C SER C 119 -6.82 15.62 -8.10
N LEU C 120 -8.16 15.76 -8.20
CA LEU C 120 -9.09 14.72 -7.77
C LEU C 120 -9.01 13.47 -8.64
N SER C 121 -9.35 12.34 -8.04
CA SER C 121 -9.25 11.11 -8.78
C SER C 121 -10.24 11.18 -9.91
N ILE C 122 -9.75 10.93 -11.12
CA ILE C 122 -10.62 10.80 -12.28
C ILE C 122 -11.53 9.59 -12.13
N THR C 123 -10.99 8.50 -11.56
CA THR C 123 -11.70 7.22 -11.52
C THR C 123 -12.93 7.27 -10.65
N GLU C 124 -12.84 7.96 -9.52
CA GLU C 124 -14.01 8.11 -8.67
C GLU C 124 -14.97 9.13 -9.27
N ILE C 125 -14.46 10.15 -9.96
CA ILE C 125 -15.35 11.15 -10.55
C ILE C 125 -16.37 10.49 -11.45
N GLY C 126 -15.93 9.57 -12.30
CA GLY C 126 -16.80 8.84 -13.19
C GLY C 126 -17.03 7.43 -12.73
N LYS C 127 -18.03 7.25 -11.87
CA LYS C 127 -18.43 5.94 -11.34
C LYS C 127 -19.81 5.51 -11.78
N GLY C 128 -20.82 6.37 -11.61
CA GLY C 128 -22.14 6.00 -12.07
C GLY C 128 -22.47 6.25 -13.54
N LEU C 129 -21.48 6.69 -14.30
CA LEU C 129 -21.76 7.21 -15.64
C LEU C 129 -21.95 6.08 -16.64
N SER C 130 -22.63 6.42 -17.74
CA SER C 130 -22.83 5.51 -18.86
C SER C 130 -21.60 5.37 -19.74
N ARG C 131 -20.76 6.38 -19.76
CA ARG C 131 -19.65 6.50 -20.71
C ARG C 131 -18.35 6.70 -19.95
N PRO C 132 -17.21 6.33 -20.54
CA PRO C 132 -15.90 6.67 -19.96
C PRO C 132 -15.80 8.14 -19.57
N LEU C 133 -15.06 8.37 -18.50
CA LEU C 133 -14.72 9.70 -18.04
C LEU C 133 -13.21 9.83 -18.12
N VAL C 134 -12.72 10.97 -18.61
CA VAL C 134 -11.30 11.17 -18.85
C VAL C 134 -10.92 12.49 -18.22
N GLY C 135 -9.62 12.71 -18.09
CA GLY C 135 -9.07 13.97 -17.58
C GLY C 135 -8.42 14.75 -18.70
N MET C 136 -8.81 16.00 -18.82
CA MET C 136 -8.32 16.97 -19.82
C MET C 136 -7.97 18.27 -19.12
N HIS C 137 -6.75 18.40 -18.66
CA HIS C 137 -6.40 19.44 -17.70
C HIS C 137 -5.72 20.63 -18.40
N PHE C 138 -6.38 21.80 -18.33
CA PHE C 138 -5.83 23.04 -18.86
C PHE C 138 -5.11 23.81 -17.77
N PHE C 139 -4.37 24.82 -18.18
CA PHE C 139 -3.47 25.52 -17.26
C PHE C 139 -3.68 27.00 -17.42
N ASN C 140 -3.90 27.69 -16.31
CA ASN C 140 -4.19 29.11 -16.31
C ASN C 140 -3.02 29.92 -16.84
N PRO C 141 -3.22 30.70 -17.92
CA PRO C 141 -4.45 30.87 -18.72
C PRO C 141 -4.64 29.84 -19.84
N ALA C 142 -5.80 29.18 -19.85
CA ALA C 142 -6.00 28.02 -20.71
C ALA C 142 -5.85 28.34 -22.18
N ASP C 143 -5.95 29.62 -22.56
CA ASP C 143 -5.86 29.97 -23.97
C ASP C 143 -4.44 30.22 -24.44
N ARG C 144 -3.49 30.41 -23.52
CA ARG C 144 -2.07 30.62 -23.81
C ARG C 144 -1.21 29.42 -23.45
N MET C 145 -1.38 28.86 -22.25
CA MET C 145 -0.57 27.74 -21.78
C MET C 145 -0.69 26.54 -22.69
N LYS C 146 0.43 26.09 -23.24
CA LYS C 146 0.39 25.06 -24.26
C LYS C 146 0.13 23.66 -23.71
N LEU C 147 0.07 23.46 -22.42
CA LEU C 147 0.05 22.09 -21.93
C LEU C 147 -1.40 21.61 -21.73
N ILE C 148 -1.63 20.34 -22.05
CA ILE C 148 -2.79 19.61 -21.56
C ILE C 148 -2.24 18.36 -20.90
N GLU C 149 -2.59 18.14 -19.63
CA GLU C 149 -2.40 16.83 -19.00
C GLU C 149 -3.61 15.95 -19.26
N VAL C 150 -3.36 14.77 -19.83
CA VAL C 150 -4.39 13.82 -20.20
C VAL C 150 -4.37 12.67 -19.20
N ILE C 151 -5.38 12.61 -18.33
CA ILE C 151 -5.45 11.64 -17.25
C ILE C 151 -6.57 10.65 -17.51
N ALA C 152 -6.23 9.36 -17.57
CA ALA C 152 -7.18 8.27 -17.75
C ALA C 152 -7.38 7.51 -16.44
N GLY C 153 -8.65 7.10 -16.18
CA GLY C 153 -8.97 6.30 -15.01
C GLY C 153 -8.85 4.82 -15.29
N CYS C 154 -9.02 3.99 -14.25
CA CYS C 154 -8.86 2.55 -14.45
C CYS C 154 -9.81 2.02 -15.51
N ASN C 155 -10.96 2.65 -15.66
CA ASN C 155 -11.98 2.19 -16.60
C ASN C 155 -12.17 3.20 -17.71
N THR C 156 -11.07 3.81 -18.17
CA THR C 156 -11.07 4.73 -19.31
C THR C 156 -10.39 4.05 -20.49
N PRO C 157 -11.07 3.84 -21.62
CA PRO C 157 -10.46 3.12 -22.75
C PRO C 157 -9.48 3.99 -23.52
N ALA C 158 -8.63 3.33 -24.32
CA ALA C 158 -7.58 4.05 -25.03
C ALA C 158 -8.13 4.87 -26.19
N GLU C 159 -9.18 4.40 -26.85
CA GLU C 159 -9.85 5.21 -27.85
C GLU C 159 -10.24 6.58 -27.32
N THR C 160 -10.62 6.66 -26.05
CA THR C 160 -10.95 7.96 -25.49
C THR C 160 -9.70 8.73 -25.08
N VAL C 161 -8.71 8.05 -24.52
CA VAL C 161 -7.46 8.72 -24.20
C VAL C 161 -6.84 9.30 -25.48
N GLU C 162 -6.87 8.53 -26.57
CA GLU C 162 -6.28 9.01 -27.82
C GLU C 162 -7.13 10.07 -28.51
N LYS C 163 -8.46 9.95 -28.42
CA LYS C 163 -9.32 10.98 -28.99
C LYS C 163 -9.10 12.32 -28.32
N ILE C 164 -8.60 12.33 -27.08
CA ILE C 164 -8.28 13.58 -26.41
C ILE C 164 -6.92 14.11 -26.85
N LYS C 165 -5.96 13.21 -27.06
CA LYS C 165 -4.66 13.61 -27.56
C LYS C 165 -4.76 14.30 -28.90
N GLU C 166 -5.59 13.78 -29.81
CA GLU C 166 -5.74 14.41 -31.13
C GLU C 166 -6.45 15.75 -31.03
N ILE C 167 -7.56 15.81 -30.30
CA ILE C 167 -8.26 17.08 -30.08
C ILE C 167 -7.29 18.12 -29.53
N SER C 168 -6.41 17.70 -28.61
CA SER C 168 -5.45 18.64 -28.06
C SER C 168 -4.56 19.22 -29.16
N VAL C 169 -3.97 18.37 -29.99
CA VAL C 169 -3.09 18.89 -31.04
C VAL C 169 -3.90 19.67 -32.06
N ALA C 170 -5.19 19.40 -32.15
CA ALA C 170 -6.05 20.12 -33.08
C ALA C 170 -6.31 21.56 -32.63
N ILE C 171 -6.21 21.87 -31.34
CA ILE C 171 -6.35 23.25 -30.87
C ILE C 171 -5.01 23.81 -30.43
N GLY C 172 -3.93 23.34 -31.05
CA GLY C 172 -2.61 23.89 -30.81
C GLY C 172 -2.05 23.68 -29.43
N LYS C 173 -2.35 22.56 -28.80
CA LYS C 173 -1.80 22.25 -27.48
C LYS C 173 -0.80 21.10 -27.57
N ASN C 174 -0.18 20.77 -26.46
CA ASN C 174 0.70 19.60 -26.37
C ASN C 174 0.14 18.65 -25.33
N PRO C 175 -0.38 17.50 -25.72
CA PRO C 175 -0.94 16.58 -24.72
C PRO C 175 0.08 15.61 -24.14
N VAL C 176 0.37 15.71 -22.86
CA VAL C 176 1.20 14.73 -22.17
C VAL C 176 0.29 13.79 -21.39
N GLN C 177 0.42 12.48 -21.65
CA GLN C 177 -0.37 11.50 -20.93
C GLN C 177 0.28 11.19 -19.59
N VAL C 178 -0.53 11.14 -18.54
CA VAL C 178 -0.10 11.02 -17.16
C VAL C 178 -1.02 10.04 -16.44
N ASN C 179 -0.44 9.15 -15.65
CA ASN C 179 -1.21 8.18 -14.90
C ASN C 179 -1.87 8.81 -13.68
N GLU C 180 -3.01 8.25 -13.29
CA GLU C 180 -3.81 8.80 -12.20
C GLU C 180 -3.10 8.68 -10.85
N ALA C 181 -2.63 9.81 -10.33
CA ALA C 181 -2.17 9.90 -8.97
C ALA C 181 -2.46 11.31 -8.53
N ALA C 182 -2.34 11.55 -7.24
CA ALA C 182 -2.76 12.82 -6.68
C ALA C 182 -1.86 13.96 -7.17
N GLY C 183 -2.49 14.95 -7.80
CA GLY C 183 -1.83 16.12 -8.31
C GLY C 183 -1.36 16.04 -9.73
N PHE C 184 -1.40 14.85 -10.35
CA PHE C 184 -0.81 14.53 -11.65
C PHE C 184 0.64 15.03 -11.63
N VAL C 185 1.15 15.63 -12.71
CA VAL C 185 2.55 16.04 -12.71
C VAL C 185 2.64 17.51 -12.25
N VAL C 186 2.03 18.43 -12.98
CA VAL C 186 2.38 19.84 -12.84
C VAL C 186 1.96 20.38 -11.47
N ASN C 187 0.75 20.04 -11.00
CA ASN C 187 0.29 20.63 -9.73
C ASN C 187 1.00 20.00 -8.54
N ARG C 188 1.30 18.70 -8.62
CA ARG C 188 1.99 18.00 -7.55
C ARG C 188 3.38 18.60 -7.28
N ILE C 189 3.99 19.17 -8.30
CA ILE C 189 5.27 19.87 -8.19
C ILE C 189 5.06 21.35 -7.88
N LEU C 190 4.17 22.02 -8.63
CA LEU C 190 4.05 23.48 -8.58
C LEU C 190 3.39 23.99 -7.31
N ILE C 191 2.41 23.29 -6.77
CA ILE C 191 1.65 23.80 -5.62
C ILE C 191 2.39 23.67 -4.29
N PRO C 192 3.05 22.57 -3.97
CA PRO C 192 3.92 22.56 -2.78
C PRO C 192 5.00 23.59 -2.85
N MET C 193 5.36 24.03 -4.05
CA MET C 193 6.35 25.08 -4.27
C MET C 193 5.81 26.42 -3.79
N ILE C 194 4.51 26.69 -4.06
CA ILE C 194 3.80 27.84 -3.53
C ILE C 194 3.63 27.71 -2.03
N ASN C 195 3.37 26.50 -1.56
CA ASN C 195 3.18 26.24 -0.15
C ASN C 195 4.48 26.47 0.62
N GLU C 196 5.59 26.00 0.06
CA GLU C 196 6.90 26.21 0.67
C GLU C 196 7.23 27.68 0.78
N ALA C 197 7.01 28.46 -0.27
CA ALA C 197 7.29 29.88 -0.21
C ALA C 197 6.50 30.56 0.89
N ALA C 198 5.33 30.01 1.24
CA ALA C 198 4.49 30.57 2.29
C ALA C 198 5.04 30.26 3.68
N PHE C 199 5.51 29.04 3.88
CA PHE C 199 6.26 28.68 5.07
C PHE C 199 7.51 29.54 5.21
N ILE C 200 8.19 29.85 4.09
CA ILE C 200 9.35 30.74 4.13
C ILE C 200 8.97 32.14 4.61
N LYS C 201 7.83 32.65 4.19
CA LYS C 201 7.38 33.95 4.72
C LYS C 201 6.97 33.85 6.19
N MET C 202 6.34 32.73 6.55
CA MET C 202 5.79 32.52 7.89
C MET C 202 6.88 32.38 8.95
N GLU C 203 7.98 31.73 8.60
CA GLU C 203 9.12 31.57 9.49
C GLU C 203 10.10 32.72 9.41
N GLY C 204 9.80 33.72 8.60
CA GLY C 204 10.55 34.96 8.60
C GLY C 204 11.87 34.93 7.86
N VAL C 205 12.12 33.90 7.06
CA VAL C 205 13.39 33.81 6.36
C VAL C 205 13.55 34.97 5.41
N SER C 206 12.46 35.40 4.77
CA SER C 206 12.47 36.58 3.92
C SER C 206 11.08 37.19 3.94
N ASP C 207 10.91 38.28 3.20
CA ASP C 207 9.62 38.93 3.04
C ASP C 207 9.00 38.54 1.68
N ILE C 208 7.72 38.88 1.52
CA ILE C 208 6.98 38.48 0.32
C ILE C 208 7.71 38.90 -0.94
N ALA C 209 8.11 40.17 -1.01
CA ALA C 209 8.85 40.69 -2.16
C ALA C 209 10.11 39.89 -2.43
N GLY C 210 10.96 39.73 -1.40
CA GLY C 210 12.23 39.02 -1.60
C GLY C 210 12.09 37.61 -2.13
N ILE C 211 11.12 36.84 -1.61
CA ILE C 211 10.90 35.47 -2.07
C ILE C 211 10.56 35.43 -3.54
N ASP C 212 9.70 36.34 -3.98
CA ASP C 212 9.26 36.32 -5.38
C ASP C 212 10.36 36.78 -6.32
N THR C 213 10.99 37.91 -6.03
CA THR C 213 12.10 38.33 -6.88
C THR C 213 13.27 37.36 -6.76
N ALA C 214 13.42 36.68 -5.62
CA ALA C 214 14.41 35.62 -5.53
C ALA C 214 14.14 34.57 -6.57
N MET C 215 12.90 34.15 -6.70
CA MET C 215 12.71 33.04 -7.59
C MET C 215 12.60 33.46 -9.03
N LYS C 216 12.31 34.73 -9.26
CA LYS C 216 12.40 35.21 -10.61
C LYS C 216 13.86 35.38 -11.04
N LEU C 217 14.67 36.05 -10.21
CA LEU C 217 16.04 36.33 -10.61
C LEU C 217 16.98 35.18 -10.33
N GLY C 218 16.62 34.30 -9.40
CA GLY C 218 17.42 33.14 -9.06
C GLY C 218 17.06 31.91 -9.85
N ALA C 219 15.85 31.87 -10.42
CA ALA C 219 15.36 30.68 -11.10
C ALA C 219 14.83 30.95 -12.50
N ASN C 220 14.79 32.19 -12.95
CA ASN C 220 14.29 32.52 -14.28
C ASN C 220 12.81 32.18 -14.43
N HIS C 221 12.07 32.27 -13.32
CA HIS C 221 10.63 31.98 -13.30
C HIS C 221 9.83 33.22 -13.70
N PRO C 222 8.78 33.04 -14.51
CA PRO C 222 8.02 34.21 -14.98
C PRO C 222 7.26 34.89 -13.88
N MET C 223 6.78 34.16 -12.90
CA MET C 223 6.24 34.71 -11.68
C MET C 223 6.94 34.11 -10.47
N GLY C 224 7.03 34.89 -9.40
CA GLY C 224 7.41 34.39 -8.11
C GLY C 224 6.34 33.50 -7.54
N PRO C 225 6.68 32.60 -6.63
CA PRO C 225 5.70 31.62 -6.16
C PRO C 225 4.52 32.23 -5.43
N LEU C 226 4.66 33.44 -4.91
CA LEU C 226 3.59 34.09 -4.17
C LEU C 226 2.65 34.88 -5.08
N GLU C 227 3.20 35.59 -6.09
CA GLU C 227 2.37 36.15 -7.13
C GLU C 227 1.59 35.06 -7.84
N LEU C 228 2.26 33.92 -8.08
CA LEU C 228 1.64 32.80 -8.78
C LEU C 228 0.50 32.21 -7.95
N GLY C 229 0.64 32.20 -6.63
CA GLY C 229 -0.48 31.78 -5.80
C GLY C 229 -1.67 32.70 -5.92
N ASP C 230 -1.43 34.01 -5.93
CA ASP C 230 -2.51 35.00 -6.04
C ASP C 230 -3.22 34.93 -7.37
N PHE C 231 -2.47 34.58 -8.41
CA PHE C 231 -2.98 34.41 -9.76
C PHE C 231 -3.74 33.11 -9.91
N ILE C 232 -3.28 32.06 -9.25
CA ILE C 232 -4.01 30.80 -9.31
C ILE C 232 -5.26 30.91 -8.45
N GLY C 233 -5.19 31.69 -7.37
CA GLY C 233 -6.16 31.70 -6.30
C GLY C 233 -5.71 30.89 -5.12
N LEU C 234 -5.52 31.52 -3.97
CA LEU C 234 -5.05 30.80 -2.80
C LEU C 234 -6.04 29.77 -2.28
N ASP C 235 -7.30 29.82 -2.76
CA ASP C 235 -8.28 28.81 -2.35
C ASP C 235 -8.08 27.52 -3.14
N ILE C 236 -7.70 27.63 -4.42
CA ILE C 236 -7.36 26.46 -5.20
C ILE C 236 -6.07 25.82 -4.68
N CYS C 237 -5.09 26.65 -4.28
CA CYS C 237 -3.83 26.12 -3.77
C CYS C 237 -4.03 25.34 -2.48
N LEU C 238 -4.77 25.90 -1.52
CA LEU C 238 -5.12 25.19 -0.31
C LEU C 238 -5.79 23.85 -0.60
N ALA C 239 -6.76 23.86 -1.52
CA ALA C 239 -7.50 22.65 -1.88
C ALA C 239 -6.56 21.55 -2.33
N ILE C 240 -5.68 21.88 -3.27
CA ILE C 240 -4.75 20.90 -3.84
C ILE C 240 -3.79 20.38 -2.77
N MET C 241 -3.32 21.26 -1.88
CA MET C 241 -2.46 20.83 -0.79
C MET C 241 -3.21 19.84 0.08
N ASP C 242 -4.43 20.20 0.45
CA ASP C 242 -5.29 19.33 1.25
C ASP C 242 -5.56 17.99 0.58
N VAL C 243 -5.90 18.02 -0.70
CA VAL C 243 -6.06 16.79 -1.46
C VAL C 243 -4.77 15.99 -1.50
N LEU C 244 -3.65 16.67 -1.75
CA LEU C 244 -2.34 15.99 -1.66
C LEU C 244 -2.20 15.29 -0.32
N TYR C 245 -2.52 15.99 0.76
CA TYR C 245 -2.32 15.49 2.11
C TYR C 245 -3.27 14.35 2.42
N HIS C 246 -4.48 14.43 1.89
CA HIS C 246 -5.43 13.40 2.21
C HIS C 246 -5.27 12.17 1.32
N GLU C 247 -4.75 12.35 0.10
CA GLU C 247 -4.57 11.20 -0.77
C GLU C 247 -3.35 10.38 -0.36
N THR C 248 -2.25 11.03 0.03
CA THR C 248 -1.06 10.27 0.38
C THR C 248 -1.03 9.89 1.84
N GLY C 249 -1.64 10.69 2.70
CA GLY C 249 -1.49 10.52 4.12
C GLY C 249 -0.18 11.04 4.68
N ASP C 250 0.54 11.85 3.91
CA ASP C 250 1.93 12.17 4.14
C ASP C 250 2.00 13.64 4.53
N SER C 251 2.38 13.91 5.78
CA SER C 251 2.57 15.25 6.33
C SER C 251 3.50 16.12 5.49
N LYS C 252 4.16 15.52 4.51
CA LYS C 252 4.97 16.31 3.59
C LYS C 252 4.12 17.36 2.89
N TYR C 253 2.85 17.04 2.66
CA TYR C 253 1.96 17.88 1.86
C TYR C 253 1.02 18.73 2.71
N ARG C 254 1.21 18.80 4.02
CA ARG C 254 0.37 19.64 4.87
C ARG C 254 0.44 21.08 4.37
N ALA C 255 -0.73 21.68 4.20
CA ALA C 255 -0.78 23.04 3.72
C ALA C 255 -0.14 23.96 4.75
N CYS C 256 0.37 25.09 4.29
CA CYS C 256 0.97 26.03 5.21
C CYS C 256 -0.13 26.81 5.93
N PRO C 257 -0.18 26.76 7.26
CA PRO C 257 -1.29 27.42 8.00
C PRO C 257 -1.51 28.88 7.66
N LEU C 258 -0.52 29.55 7.09
CA LEU C 258 -0.71 30.94 6.72
C LEU C 258 -1.63 31.06 5.52
N ILE C 259 -1.65 30.04 4.66
CA ILE C 259 -2.55 30.00 3.51
C ILE C 259 -3.97 29.60 3.92
N ARG C 260 -4.11 28.75 4.93
CA ARG C 260 -5.44 28.43 5.44
C ARG C 260 -6.04 29.62 6.16
N LYS C 261 -5.21 30.41 6.85
CA LYS C 261 -5.71 31.61 7.49
C LYS C 261 -6.17 32.64 6.47
N MET C 262 -5.45 32.76 5.36
CA MET C 262 -5.79 33.78 4.38
C MET C 262 -7.02 33.40 3.55
N VAL C 263 -7.20 32.12 3.26
CA VAL C 263 -8.41 31.63 2.61
C VAL C 263 -9.63 31.82 3.52
N ARG C 264 -9.46 31.64 4.82
CA ARG C 264 -10.54 31.84 5.77
C ARG C 264 -10.99 33.29 5.81
N GLY C 265 -10.06 34.21 5.57
CA GLY C 265 -10.36 35.62 5.50
C GLY C 265 -10.77 36.11 4.15
N GLY C 266 -10.77 35.24 3.15
CA GLY C 266 -11.10 35.68 1.81
C GLY C 266 -10.02 36.47 1.12
N ASN C 267 -8.76 36.22 1.45
CA ASN C 267 -7.62 36.83 0.76
C ASN C 267 -7.09 35.80 -0.21
N LEU C 268 -7.75 35.74 -1.36
CA LEU C 268 -7.58 34.65 -2.30
C LEU C 268 -6.63 34.99 -3.43
N GLY C 269 -6.17 36.22 -3.51
CA GLY C 269 -5.32 36.62 -4.61
C GLY C 269 -6.04 37.49 -5.61
N CYS C 270 -5.75 37.31 -6.90
CA CYS C 270 -6.22 38.28 -7.87
C CYS C 270 -7.75 38.32 -7.98
N LYS C 271 -8.44 37.20 -7.75
CA LYS C 271 -9.90 37.19 -7.87
C LYS C 271 -10.61 38.03 -6.78
N THR C 272 -9.96 38.29 -5.65
CA THR C 272 -10.55 39.14 -4.61
C THR C 272 -9.76 40.42 -4.37
N GLY C 273 -8.70 40.67 -5.15
CA GLY C 273 -7.98 41.92 -5.10
C GLY C 273 -6.94 41.99 -4.01
N LYS C 274 -6.91 41.00 -3.12
CA LYS C 274 -5.99 40.90 -2.00
C LYS C 274 -5.60 39.43 -1.80
N GLY C 275 -4.35 39.11 -2.07
CA GLY C 275 -3.82 37.84 -1.67
C GLY C 275 -2.55 38.05 -0.88
N PHE C 276 -1.42 37.56 -1.40
CA PHE C 276 -0.14 38.03 -0.90
C PHE C 276 0.12 39.46 -1.35
N TYR C 277 -0.49 39.89 -2.44
CA TYR C 277 -0.38 41.28 -2.89
C TYR C 277 -1.78 41.90 -2.87
N VAL C 278 -1.84 43.18 -2.51
CA VAL C 278 -3.01 43.98 -2.80
C VAL C 278 -2.84 44.56 -4.18
N TYR C 279 -3.86 44.38 -5.00
CA TYR C 279 -3.84 44.77 -6.39
C TYR C 279 -4.58 46.10 -6.45
N ASN C 280 -3.97 47.09 -7.06
CA ASN C 280 -4.53 48.43 -7.11
C ASN C 280 -5.00 48.75 -8.52
N ALA C 281 -5.91 49.73 -8.60
CA ALA C 281 -6.41 50.16 -9.90
C ALA C 281 -5.31 50.75 -10.75
N ASP C 282 -4.18 51.12 -10.15
CA ASP C 282 -3.11 51.72 -10.92
C ASP C 282 -2.49 50.66 -11.83
N ARG C 283 -2.82 49.40 -11.57
CA ARG C 283 -2.24 48.18 -12.15
C ARG C 283 -0.93 47.79 -11.47
N THR C 284 -0.63 48.40 -10.32
CA THR C 284 0.47 48.00 -9.45
C THR C 284 0.01 47.19 -8.24
N LYS C 285 0.76 46.14 -7.93
CA LYS C 285 0.47 45.27 -6.79
C LYS C 285 1.44 45.56 -5.66
N THR C 286 0.93 45.57 -4.43
CA THR C 286 1.73 45.84 -3.26
C THR C 286 1.73 44.63 -2.33
N PRO C 287 2.90 44.13 -1.93
CA PRO C 287 2.93 43.06 -0.92
C PRO C 287 2.26 43.51 0.36
N VAL C 288 1.48 42.61 0.98
CA VAL C 288 0.69 43.05 2.13
C VAL C 288 1.54 43.25 3.38
N ASP C 289 2.79 42.83 3.36
CA ASP C 289 3.75 43.19 4.39
C ASP C 289 4.51 44.48 4.05
N ASN C 290 4.02 45.25 3.09
CA ASN C 290 4.73 46.39 2.51
C ASN C 290 6.18 46.11 2.20
N1A CAA D . -4.22 36.64 -25.73
C2A CAA D . -3.55 37.14 -24.71
N3A CAA D . -2.40 37.76 -24.88
C4A CAA D . -1.87 37.90 -26.11
C5A CAA D . -2.53 37.39 -27.20
C6A CAA D . -3.76 36.73 -26.96
N6A CAA D . -4.57 36.14 -28.00
N7A CAA D . -1.76 37.68 -28.28
C8A CAA D . -0.68 38.34 -27.89
N9A CAA D . -0.76 38.49 -26.57
C1B CAA D . 0.23 39.10 -25.70
C2B CAA D . 0.63 40.29 -25.89
O2B CAA D . 1.89 40.16 -26.64
C3B CAA D . 1.02 40.83 -24.31
O3B CAA D . 2.34 41.34 -24.13
P3B CAA D . 2.76 42.90 -24.39
O7A CAA D . 2.63 43.18 -25.86
O8A CAA D . 4.19 43.09 -23.95
O9A CAA D . 1.86 43.82 -23.61
C4B CAA D . 1.11 39.59 -24.00
O4B CAA D . -0.29 39.05 -24.18
C5B CAA D . 1.86 39.12 -22.75
O5B CAA D . 2.16 37.81 -23.19
P1A CAA D . 1.25 36.62 -22.50
O1A CAA D . 1.90 35.26 -22.57
O2A CAA D . -0.16 36.57 -23.03
O3A CAA D . 1.25 37.22 -20.99
P2A CAA D . 2.59 37.41 -20.07
O4A CAA D . 3.79 36.79 -20.73
O5A CAA D . 2.84 38.86 -19.75
O6A CAA D . 2.14 36.69 -18.68
CBP CAA D . 2.42 34.39 -18.41
CCP CAA D . 3.08 35.75 -18.35
CDP CAA D . 2.33 33.85 -19.84
CEP CAA D . 1.05 34.40 -17.72
CAP CAA D . 3.47 33.79 -17.50
OAP CAA D . 3.09 34.32 -16.29
C9P CAA D . 3.34 32.32 -17.22
O9P CAA D . 3.52 31.46 -18.03
N8P CAA D . 2.95 32.07 -15.84
C7P CAA D . 2.77 30.70 -15.51
C6P CAA D . 1.26 30.56 -15.32
C5P CAA D . 1.04 29.21 -14.71
O5P CAA D . 1.90 28.77 -14.03
N4P CAA D . -0.17 28.49 -15.01
C3P CAA D . -0.35 27.19 -14.44
C2P CAA D . -0.64 27.42 -12.97
S1P CAA D . -1.18 25.83 -12.41
C1 CAA D . -2.80 25.56 -13.14
O1 CAA D . -3.36 26.50 -13.61
C2 CAA D . -3.41 24.18 -13.16
C3 CAA D . -4.23 23.98 -11.90
O3 CAA D . -5.05 23.14 -11.86
C4 CAA D . -3.98 24.89 -10.70
#